data_4DKT
#
_entry.id   4DKT
#
_cell.length_a   147.654
_cell.length_b   61.079
_cell.length_c   115.382
_cell.angle_alpha   90.00
_cell.angle_beta   124.54
_cell.angle_gamma   90.00
#
_symmetry.space_group_name_H-M   'C 1 2 1'
#
loop_
_entity.id
_entity.type
_entity.pdbx_description
1 polymer 'Protein-arginine deiminase type-4'
2 polymer Thr-Asp-F-amidine
3 non-polymer 'CALCIUM ION'
4 non-polymer 'SULFATE ION'
5 non-polymer 1,2-ETHANEDIOL
6 water water
#
loop_
_entity_poly.entity_id
_entity_poly.type
_entity_poly.pdbx_seq_one_letter_code
_entity_poly.pdbx_strand_id
1 'polypeptide(L)'
;GPLGSMAQGTLIRVTPEQPTHAVCVLGTLTQLDICSSAPEDCTSFSINASPGVVVDIAHSPPAKKKSTGSSTWPLDPGVE
VTLTMKAASGSTGDQKVQISYYGPKTPPVKALLYLTAVEISLCADITRTGKVKPTRAVKDQRTWTWGPCGQGAILLVNCD
RDNLESSAMDCEDDEVLDSEDLQDMSLMTLSTKTPKDFFTNHTLVLHVARSEMDKVRVFQATRGKLSSKCSVVLGPKWPS
HYLMVPGGKHNMDFYVEALAFPDTDFPGLITLTISLLDTSNLELPEAVVFQDSVVFRVAPWIMTPNTQPPQEVYACSIFE
NEDFLKSVTTLAMKAKCKLTICPEEENMDDQWMQDEMEIGYIQAPHKTLPVVFDSPRNRGLKEFPIKRVMGPDFGYVTRG
PQTGGISGLDSFGNLEVSPPVTVRGKEYPLGRILFGDSCYPSNDSRQMHQALQDFLSAQQVQAPVKLYSDWLSVGHVDEF
LSFVPAPDRKGFRLLLASPRSCYKLFQEQQNEGHGEALLFEGIKKKKQQKIKNILSNKTLREHNSFVERCIDWNRELLKR
ELGLAESDIIDIPQLFKLKEFSKAEAFFPNMVNMLVLGKHLGIPKPFGPVINGRCCLEEKVCSLLEPLGLQCTFINDFFT
YHIRHGEVHCGTNVRRKPFSFKWWNMVP
;
A
2 'polypeptide(L)' (ACE)TD(FIO)(NH2) B
#
loop_
_chem_comp.id
_chem_comp.type
_chem_comp.name
_chem_comp.formula
ACE non-polymer 'ACETYL GROUP' 'C2 H4 O'
CA non-polymer 'CALCIUM ION' 'Ca 2'
EDO non-polymer 1,2-ETHANEDIOL 'C2 H6 O2'
NH2 non-polymer 'AMINO GROUP' 'H2 N'
SO4 non-polymer 'SULFATE ION' 'O4 S -2'
#
# COMPACT_ATOMS: atom_id res chain seq x y z
N ALA A 7 16.94 -4.02 25.83
CA ALA A 7 17.98 -4.31 26.82
C ALA A 7 18.86 -3.08 27.06
N GLN A 8 18.42 -1.93 26.57
CA GLN A 8 19.19 -0.71 26.70
C GLN A 8 19.12 -0.22 28.14
N GLY A 9 20.29 -0.12 28.78
CA GLY A 9 20.36 0.12 30.21
C GLY A 9 20.85 1.48 30.64
N THR A 10 21.39 1.51 31.86
CA THR A 10 21.91 2.73 32.46
C THR A 10 23.22 2.39 33.18
N LEU A 11 24.06 3.39 33.40
CA LEU A 11 25.22 3.20 34.26
C LEU A 11 24.88 3.70 35.66
N ILE A 12 25.08 2.83 36.64
CA ILE A 12 24.91 3.20 38.03
C ILE A 12 26.28 3.25 38.68
N ARG A 13 26.62 4.41 39.22
CA ARG A 13 27.91 4.62 39.87
C ARG A 13 27.70 4.63 41.37
N VAL A 14 28.41 3.74 42.05
CA VAL A 14 28.22 3.56 43.49
C VAL A 14 29.42 4.05 44.28
N THR A 15 29.18 4.48 45.52
CA THR A 15 30.24 5.03 46.36
C THR A 15 30.16 4.54 47.80
N PRO A 16 31.33 4.31 48.42
CA PRO A 16 31.40 3.91 49.84
C PRO A 16 30.95 5.04 50.75
N GLU A 17 31.16 6.28 50.30
CA GLU A 17 30.82 7.45 51.09
C GLU A 17 29.36 7.47 51.48
N GLN A 18 28.49 7.26 50.49
CA GLN A 18 27.05 7.30 50.69
C GLN A 18 26.31 6.28 49.84
N PRO A 19 25.09 5.92 50.26
CA PRO A 19 24.23 5.02 49.48
C PRO A 19 23.72 5.70 48.23
N THR A 20 23.32 4.92 47.24
CA THR A 20 22.74 5.48 46.03
C THR A 20 21.40 4.83 45.72
N HIS A 21 20.46 5.64 45.23
CA HIS A 21 19.13 5.18 44.90
C HIS A 21 18.92 5.25 43.40
N ALA A 22 18.59 4.10 42.79
CA ALA A 22 18.39 4.04 41.35
C ALA A 22 17.13 3.27 40.99
N VAL A 23 16.60 3.53 39.81
CA VAL A 23 15.46 2.77 39.29
C VAL A 23 15.92 1.81 38.21
N CYS A 24 15.28 0.66 38.13
CA CYS A 24 15.58 -0.34 37.10
C CYS A 24 14.33 -0.83 36.40
N VAL A 25 14.25 -0.61 35.10
CA VAL A 25 13.13 -1.11 34.33
C VAL A 25 13.35 -2.57 33.98
N LEU A 26 12.32 -3.39 34.13
CA LEU A 26 12.40 -4.79 33.74
C LEU A 26 12.46 -4.89 32.22
N GLY A 27 13.34 -5.74 31.73
CA GLY A 27 13.57 -5.90 30.31
C GLY A 27 14.84 -5.18 29.94
N THR A 28 15.36 -4.43 30.89
CA THR A 28 16.55 -3.61 30.71
C THR A 28 17.77 -4.20 31.42
N LEU A 29 18.94 -4.01 30.83
CA LEU A 29 20.16 -4.56 31.39
C LEU A 29 20.96 -3.47 32.10
N THR A 30 21.05 -3.55 33.43
CA THR A 30 21.64 -2.47 34.21
C THR A 30 23.14 -2.70 34.43
N GLN A 31 23.93 -1.63 34.44
CA GLN A 31 25.37 -1.78 34.54
C GLN A 31 25.94 -1.08 35.77
N LEU A 32 26.93 -1.69 36.41
CA LEU A 32 27.50 -1.11 37.63
C LEU A 32 28.95 -0.69 37.54
N ASP A 33 29.23 0.53 38.00
CA ASP A 33 30.60 1.02 38.07
C ASP A 33 31.12 0.94 39.50
N ILE A 34 31.98 -0.05 39.74
CA ILE A 34 32.62 -0.24 41.04
C ILE A 34 33.87 0.62 41.20
N CYS A 35 34.68 0.67 40.15
CA CYS A 35 36.07 1.10 40.27
C CYS A 35 36.25 2.61 40.43
N SER A 36 35.48 3.39 39.69
CA SER A 36 35.63 4.84 39.72
C SER A 36 35.70 5.35 41.15
N SER A 37 34.74 4.93 41.96
CA SER A 37 34.58 5.40 43.32
C SER A 37 35.24 4.48 44.36
N ALA A 38 35.84 3.40 43.88
CA ALA A 38 36.48 2.46 44.78
C ALA A 38 37.45 3.16 45.70
N PRO A 39 37.48 2.76 46.99
CA PRO A 39 38.42 3.37 47.93
C PRO A 39 39.83 2.87 47.72
N GLU A 40 40.81 3.70 48.08
CA GLU A 40 42.21 3.31 48.06
C GLU A 40 42.45 2.25 49.12
N ASP A 41 43.58 1.55 49.00
CA ASP A 41 44.02 0.51 49.94
C ASP A 41 43.21 -0.80 49.89
N CYS A 42 42.18 -0.81 49.04
CA CYS A 42 41.40 -2.03 48.76
C CYS A 42 41.83 -2.69 47.45
N THR A 43 42.27 -3.94 47.55
CA THR A 43 42.63 -4.74 46.38
C THR A 43 41.42 -5.36 45.69
N SER A 44 40.50 -5.88 46.49
CA SER A 44 39.41 -6.70 45.97
C SER A 44 38.03 -6.23 46.40
N PHE A 45 37.01 -6.94 45.92
CA PHE A 45 35.63 -6.58 46.20
C PHE A 45 34.69 -7.79 46.11
N SER A 46 33.50 -7.63 46.66
CA SER A 46 32.52 -8.71 46.70
C SER A 46 31.11 -8.13 46.62
N ILE A 47 30.20 -8.85 45.97
CA ILE A 47 28.83 -8.35 45.83
C ILE A 47 27.82 -9.25 46.55
N ASN A 48 26.88 -8.61 47.25
CA ASN A 48 25.81 -9.34 47.92
C ASN A 48 24.50 -8.60 47.73
N ALA A 49 23.45 -9.29 47.33
CA ALA A 49 22.22 -8.61 46.95
C ALA A 49 20.94 -9.36 47.33
N SER A 50 19.88 -8.60 47.61
CA SER A 50 18.60 -9.19 47.95
C SER A 50 18.14 -10.14 46.84
N PRO A 51 17.41 -11.20 47.22
CA PRO A 51 17.02 -12.32 46.36
C PRO A 51 16.47 -11.95 44.99
N GLY A 52 15.74 -10.83 44.90
CA GLY A 52 15.11 -10.43 43.65
C GLY A 52 16.07 -9.85 42.62
N VAL A 53 17.27 -9.48 43.05
CA VAL A 53 18.29 -8.95 42.17
C VAL A 53 19.28 -10.02 41.76
N VAL A 54 19.35 -10.31 40.47
CA VAL A 54 20.37 -11.22 39.95
C VAL A 54 21.54 -10.46 39.32
N VAL A 55 22.71 -10.68 39.89
CA VAL A 55 23.92 -10.04 39.42
C VAL A 55 24.79 -11.03 38.65
N ASP A 56 25.02 -10.75 37.38
CA ASP A 56 25.98 -11.53 36.60
C ASP A 56 27.23 -10.67 36.38
N ILE A 57 28.38 -11.22 36.75
CA ILE A 57 29.60 -10.44 36.76
C ILE A 57 30.71 -11.23 36.07
N ALA A 58 31.21 -10.66 34.97
CA ALA A 58 32.08 -11.40 34.05
C ALA A 58 33.51 -10.86 33.95
N HIS A 59 34.41 -11.80 33.66
CA HIS A 59 35.85 -11.56 33.48
C HIS A 59 36.50 -10.86 34.68
N SER A 71 31.80 -16.37 46.18
CA SER A 71 32.99 -16.13 45.36
C SER A 71 33.47 -14.69 45.50
N THR A 72 34.75 -14.46 45.20
CA THR A 72 35.32 -13.13 45.30
C THR A 72 35.82 -12.64 43.96
N TRP A 73 36.34 -11.42 43.93
CA TRP A 73 36.83 -10.80 42.70
C TRP A 73 37.90 -9.74 42.95
N PRO A 74 38.87 -9.62 42.03
CA PRO A 74 39.91 -8.59 42.05
C PRO A 74 39.35 -7.28 41.50
N LEU A 75 39.90 -6.16 41.92
CA LEU A 75 39.38 -4.88 41.49
C LEU A 75 40.12 -4.39 40.25
N ASP A 76 39.43 -4.44 39.11
CA ASP A 76 39.97 -3.98 37.84
C ASP A 76 38.91 -3.24 37.04
N PRO A 77 39.28 -2.13 36.39
CA PRO A 77 38.33 -1.39 35.55
C PRO A 77 37.79 -2.23 34.40
N GLY A 78 38.45 -3.34 34.10
CA GLY A 78 38.06 -4.19 32.98
C GLY A 78 37.00 -5.23 33.30
N VAL A 79 36.94 -5.67 34.56
CA VAL A 79 35.90 -6.61 34.97
C VAL A 79 34.53 -5.95 34.84
N GLU A 80 33.50 -6.72 34.48
CA GLU A 80 32.21 -6.08 34.23
C GLU A 80 31.05 -6.64 35.06
N VAL A 81 30.32 -5.75 35.75
CA VAL A 81 29.22 -6.17 36.62
C VAL A 81 27.87 -5.69 36.11
N THR A 82 26.95 -6.64 35.96
CA THR A 82 25.64 -6.34 35.41
C THR A 82 24.49 -6.83 36.30
N LEU A 83 23.48 -5.97 36.44
CA LEU A 83 22.33 -6.20 37.27
C LEU A 83 21.08 -6.41 36.43
N THR A 84 20.33 -7.46 36.77
CA THR A 84 18.99 -7.66 36.21
C THR A 84 18.03 -7.99 37.35
N MET A 85 16.75 -7.65 37.17
CA MET A 85 15.80 -7.82 38.25
C MET A 85 14.63 -8.71 37.84
N LYS A 86 14.21 -9.58 38.75
CA LYS A 86 13.19 -10.58 38.46
C LYS A 86 11.78 -10.01 38.39
N ALA A 87 11.46 -9.05 39.25
CA ALA A 87 10.09 -8.53 39.31
C ALA A 87 9.97 -7.10 39.81
N ALA A 88 8.86 -6.46 39.45
CA ALA A 88 8.57 -5.09 39.87
C ALA A 88 8.55 -4.98 41.38
N SER A 89 9.08 -3.87 41.89
CA SER A 89 9.08 -3.63 43.32
C SER A 89 7.70 -3.28 43.80
N GLY A 90 7.35 -3.72 45.01
CA GLY A 90 6.12 -3.31 45.64
C GLY A 90 6.34 -2.01 46.39
N SER A 91 7.59 -1.79 46.79
CA SER A 91 7.96 -0.60 47.54
C SER A 91 9.24 0.03 47.00
N THR A 92 9.34 1.34 47.14
CA THR A 92 10.55 2.04 46.74
C THR A 92 11.77 1.51 47.47
N GLY A 93 12.77 1.05 46.72
CA GLY A 93 14.01 0.58 47.31
C GLY A 93 13.91 -0.76 48.02
N ASP A 94 12.95 -1.60 47.64
CA ASP A 94 12.76 -2.85 48.36
C ASP A 94 13.72 -3.96 47.93
N GLN A 95 14.59 -3.64 46.98
CA GLN A 95 15.71 -4.50 46.64
C GLN A 95 16.98 -3.71 46.86
N LYS A 96 18.05 -4.38 47.27
CA LYS A 96 19.29 -3.66 47.51
C LYS A 96 20.50 -4.49 47.13
N VAL A 97 21.55 -3.80 46.72
CA VAL A 97 22.82 -4.42 46.43
C VAL A 97 23.83 -3.79 47.39
N GLN A 98 24.82 -4.57 47.78
CA GLN A 98 25.84 -4.12 48.70
C GLN A 98 27.17 -4.57 48.18
N ILE A 99 28.09 -3.62 48.03
CA ILE A 99 29.42 -3.92 47.53
C ILE A 99 30.44 -3.76 48.65
N SER A 100 31.18 -4.82 48.92
CA SER A 100 32.20 -4.82 49.96
C SER A 100 33.58 -4.68 49.34
N TYR A 101 34.26 -3.57 49.64
CA TYR A 101 35.63 -3.37 49.21
C TYR A 101 36.58 -3.79 50.32
N TYR A 102 37.42 -4.79 50.04
CA TYR A 102 38.37 -5.25 51.04
C TYR A 102 39.77 -5.39 50.46
N GLY A 103 40.75 -5.48 51.35
CA GLY A 103 42.14 -5.66 50.98
C GLY A 103 42.86 -6.37 52.11
N PRO A 104 44.16 -6.65 51.94
CA PRO A 104 44.86 -7.55 52.86
C PRO A 104 44.89 -7.12 54.33
N LYS A 105 45.28 -5.87 54.61
CA LYS A 105 45.37 -5.43 56.00
C LYS A 105 44.15 -4.63 56.48
N THR A 106 43.18 -4.45 55.59
CA THR A 106 42.10 -3.53 55.88
C THR A 106 40.75 -4.23 55.92
N PRO A 107 39.90 -3.80 56.87
CA PRO A 107 38.54 -4.32 57.03
C PRO A 107 37.64 -3.87 55.90
N PRO A 108 36.65 -4.70 55.55
CA PRO A 108 35.68 -4.40 54.48
C PRO A 108 35.02 -3.03 54.65
N VAL A 109 34.86 -2.32 53.53
CA VAL A 109 34.13 -1.05 53.50
C VAL A 109 33.00 -1.18 52.50
N LYS A 110 31.76 -1.01 52.97
CA LYS A 110 30.59 -1.30 52.14
C LYS A 110 29.96 -0.06 51.48
N ALA A 111 29.51 -0.25 50.24
CA ALA A 111 28.75 0.74 49.51
C ALA A 111 27.35 0.18 49.29
N LEU A 112 26.34 0.98 49.59
CA LEU A 112 24.96 0.53 49.50
C LEU A 112 24.23 1.08 48.29
N LEU A 113 23.37 0.26 47.71
CA LEU A 113 22.61 0.64 46.54
C LEU A 113 21.16 0.17 46.67
N TYR A 114 20.21 1.10 46.59
CA TYR A 114 18.79 0.76 46.72
C TYR A 114 18.05 0.80 45.38
N LEU A 115 17.51 -0.34 44.98
CA LEU A 115 16.84 -0.45 43.68
C LEU A 115 15.33 -0.52 43.77
N THR A 116 14.66 0.30 42.96
CA THR A 116 13.24 0.17 42.74
C THR A 116 13.05 -0.35 41.31
N ALA A 117 12.50 -1.55 41.18
CA ALA A 117 12.26 -2.13 39.87
C ALA A 117 10.83 -1.86 39.43
N VAL A 118 10.66 -1.45 38.18
CA VAL A 118 9.34 -1.17 37.64
C VAL A 118 9.17 -1.79 36.25
N GLU A 119 7.93 -2.13 35.91
CA GLU A 119 7.64 -2.65 34.59
C GLU A 119 7.03 -1.55 33.73
N ILE A 120 7.76 -1.12 32.71
CA ILE A 120 7.22 -0.21 31.72
C ILE A 120 7.31 -0.86 30.35
N SER A 121 6.17 -1.21 29.75
CA SER A 121 6.24 -1.76 28.40
C SER A 121 5.22 -1.18 27.44
N LEU A 122 5.72 -0.68 26.32
CA LEU A 122 4.91 -0.22 25.21
C LEU A 122 4.68 -1.40 24.29
N CYS A 123 3.42 -1.67 23.94
CA CYS A 123 3.10 -2.81 23.10
C CYS A 123 2.21 -2.40 21.93
N ALA A 124 2.54 -2.92 20.75
CA ALA A 124 1.67 -2.80 19.58
C ALA A 124 1.75 -4.15 18.89
N ASP A 125 1.17 -4.27 17.69
CA ASP A 125 1.19 -5.57 17.05
C ASP A 125 2.34 -5.58 16.05
N ILE A 126 3.48 -6.08 16.52
CA ILE A 126 4.72 -6.02 15.75
C ILE A 126 5.02 -7.36 15.10
N THR A 127 4.20 -8.34 15.41
CA THR A 127 4.28 -9.65 14.79
C THR A 127 3.28 -9.72 13.65
N ARG A 128 2.53 -8.63 13.48
CA ARG A 128 1.57 -8.51 12.39
C ARG A 128 0.60 -9.67 12.39
N THR A 129 0.23 -10.13 13.59
CA THR A 129 -0.71 -11.24 13.73
C THR A 129 -2.13 -10.83 14.09
N GLY A 130 -2.32 -9.56 14.42
CA GLY A 130 -3.64 -9.08 14.82
C GLY A 130 -3.80 -8.99 16.33
N LYS A 131 -2.73 -9.29 17.05
CA LYS A 131 -2.74 -9.26 18.51
C LYS A 131 -1.58 -8.43 19.06
N VAL A 132 -1.87 -7.53 20.00
CA VAL A 132 -0.86 -6.67 20.61
C VAL A 132 0.17 -7.47 21.41
N LYS A 133 1.45 -7.23 21.14
CA LYS A 133 2.54 -7.94 21.82
C LYS A 133 3.54 -7.01 22.51
N PRO A 134 4.08 -7.45 23.67
CA PRO A 134 5.07 -6.66 24.41
C PRO A 134 6.33 -6.45 23.55
N THR A 135 6.91 -5.26 23.62
CA THR A 135 8.09 -4.92 22.82
C THR A 135 9.08 -6.08 22.72
N LYS A 139 13.62 -10.00 20.29
CA LYS A 139 13.16 -8.90 19.46
C LYS A 139 14.27 -7.87 19.29
N ASP A 140 14.55 -7.53 18.04
CA ASP A 140 15.45 -6.44 17.74
C ASP A 140 14.55 -5.22 17.55
N GLN A 141 14.64 -4.29 18.48
CA GLN A 141 13.61 -3.27 18.57
C GLN A 141 13.88 -2.21 17.53
N ARG A 142 13.08 -1.16 17.58
CA ARG A 142 13.43 0.12 16.99
C ARG A 142 13.71 0.04 15.49
N THR A 143 13.21 -0.99 14.83
CA THR A 143 13.37 -1.11 13.37
C THR A 143 12.18 -1.83 12.77
N TRP A 144 11.85 -1.49 11.53
CA TRP A 144 10.74 -2.14 10.84
C TRP A 144 11.27 -2.99 9.70
N THR A 145 11.08 -4.30 9.78
CA THR A 145 11.66 -5.20 8.79
C THR A 145 10.62 -5.94 7.94
N TRP A 146 10.88 -6.02 6.63
CA TRP A 146 9.99 -6.72 5.70
C TRP A 146 10.08 -8.23 5.76
N GLY A 147 9.05 -8.90 5.24
CA GLY A 147 9.08 -10.33 5.06
C GLY A 147 8.27 -11.09 6.09
N PRO A 148 8.19 -12.41 5.93
CA PRO A 148 7.45 -13.22 6.90
C PRO A 148 8.19 -13.27 8.24
N CYS A 149 9.51 -13.14 8.19
CA CYS A 149 10.35 -13.19 9.39
C CYS A 149 10.71 -11.81 9.94
N GLY A 150 10.18 -10.78 9.31
CA GLY A 150 10.42 -9.41 9.77
C GLY A 150 9.52 -9.01 10.92
N GLN A 151 9.65 -7.76 11.36
CA GLN A 151 8.87 -7.25 12.48
C GLN A 151 8.48 -5.77 12.32
N GLY A 152 7.55 -5.33 13.16
CA GLY A 152 7.05 -3.96 13.22
C GLY A 152 5.61 -3.80 12.77
N ALA A 153 4.96 -2.80 13.36
CA ALA A 153 3.50 -2.64 13.28
C ALA A 153 3.00 -1.95 12.00
N ILE A 154 1.74 -2.21 11.65
CA ILE A 154 1.13 -1.56 10.49
C ILE A 154 0.08 -0.50 10.85
N LEU A 155 0.01 0.55 10.05
CA LEU A 155 -0.89 1.68 10.27
C LEU A 155 -1.61 2.04 8.97
N LEU A 156 -2.91 2.31 9.07
CA LEU A 156 -3.70 2.70 7.91
C LEU A 156 -3.97 4.18 8.00
N VAL A 157 -4.06 4.85 6.86
CA VAL A 157 -4.53 6.24 6.80
C VAL A 157 -6.04 6.22 6.99
N ASN A 158 -6.64 7.29 7.48
CA ASN A 158 -8.09 7.31 7.53
C ASN A 158 -8.56 8.10 6.32
N CYS A 159 -8.89 7.39 5.25
CA CYS A 159 -9.25 8.04 4.01
C CYS A 159 -10.74 8.06 3.78
N ASP A 160 -11.48 7.42 4.67
CA ASP A 160 -12.91 7.29 4.47
C ASP A 160 -13.70 8.28 5.32
N ARG A 161 -15.03 8.15 5.26
CA ARG A 161 -15.92 8.84 6.18
C ARG A 161 -16.88 7.82 6.77
N ASP A 162 -16.73 7.55 8.07
CA ASP A 162 -17.73 6.72 8.76
C ASP A 162 -18.75 7.60 9.43
N ASN A 163 -18.48 8.91 9.42
CA ASN A 163 -19.43 9.86 9.94
C ASN A 163 -20.58 9.89 8.95
N LEU A 164 -21.78 9.56 9.44
CA LEU A 164 -22.89 9.29 8.54
C LEU A 164 -23.06 10.44 7.56
N GLU A 165 -23.21 11.65 8.10
CA GLU A 165 -23.18 12.81 7.25
C GLU A 165 -21.93 13.62 7.57
N SER A 166 -20.95 13.52 6.69
CA SER A 166 -19.79 14.41 6.69
C SER A 166 -19.20 14.40 5.28
N SER A 167 -18.65 15.52 4.86
CA SER A 167 -18.09 15.63 3.51
C SER A 167 -16.57 15.43 3.47
N ALA A 168 -15.96 15.22 4.64
CA ALA A 168 -14.50 15.12 4.73
C ALA A 168 -14.02 13.78 5.27
N MET A 169 -12.77 13.45 4.97
CA MET A 169 -12.14 12.23 5.47
C MET A 169 -12.03 12.30 6.99
N ASP A 170 -11.94 11.15 7.62
CA ASP A 170 -11.93 11.10 9.08
C ASP A 170 -10.73 11.80 9.71
N CYS A 171 -9.64 11.97 8.98
CA CYS A 171 -8.39 12.42 9.58
C CYS A 171 -8.12 13.94 9.57
N GLU A 172 -9.08 14.73 9.08
CA GLU A 172 -8.97 16.19 9.20
C GLU A 172 -9.52 16.71 10.53
N ASP A 173 -10.12 15.82 11.33
CA ASP A 173 -10.83 16.24 12.53
C ASP A 173 -9.91 16.65 13.69
N ASP A 174 -9.13 15.67 14.17
CA ASP A 174 -8.52 15.71 15.52
C ASP A 174 -9.40 15.08 16.63
N GLU A 175 -10.60 14.61 16.28
CA GLU A 175 -11.49 13.96 17.26
C GLU A 175 -12.15 12.68 16.72
N VAL A 176 -12.57 11.79 17.63
CA VAL A 176 -13.19 10.53 17.23
C VAL A 176 -14.71 10.61 17.33
N LEU A 177 -15.39 10.65 16.18
CA LEU A 177 -16.83 10.85 16.12
C LEU A 177 -17.67 9.58 15.95
N ASP A 178 -17.01 8.42 15.97
CA ASP A 178 -17.70 7.14 15.80
C ASP A 178 -17.08 6.00 16.60
N SER A 179 -17.89 4.98 16.90
CA SER A 179 -17.39 3.76 17.52
C SER A 179 -16.62 2.92 16.52
N GLU A 180 -17.22 2.70 15.35
CA GLU A 180 -16.59 1.93 14.27
C GLU A 180 -15.23 2.50 13.90
N ASP A 181 -15.06 3.80 14.07
CA ASP A 181 -13.82 4.45 13.69
C ASP A 181 -12.60 3.71 14.25
N LEU A 182 -12.68 3.37 15.53
CA LEU A 182 -11.58 2.70 16.23
C LEU A 182 -11.08 1.46 15.50
N GLN A 183 -11.96 0.85 14.71
CA GLN A 183 -11.65 -0.39 14.00
C GLN A 183 -10.57 -0.20 12.96
N ASP A 184 -10.50 0.99 12.38
CA ASP A 184 -9.45 1.28 11.41
C ASP A 184 -8.16 1.57 12.13
N MET A 185 -8.29 2.05 13.36
CA MET A 185 -7.14 2.50 14.11
C MET A 185 -6.35 1.32 14.67
N SER A 186 -5.08 1.56 14.94
CA SER A 186 -4.22 0.52 15.48
C SER A 186 -4.08 0.71 16.97
N LEU A 187 -4.13 -0.40 17.70
CA LEU A 187 -4.14 -0.36 19.16
C LEU A 187 -2.73 -0.43 19.69
N MET A 188 -2.40 0.47 20.60
CA MET A 188 -1.11 0.43 21.28
C MET A 188 -1.34 0.56 22.78
N THR A 189 -0.87 -0.39 23.56
CA THR A 189 -1.07 -0.35 25.00
C THR A 189 0.19 -0.05 25.79
N LEU A 190 0.03 0.64 26.91
CA LEU A 190 1.12 0.87 27.84
C LEU A 190 0.85 0.11 29.14
N SER A 191 1.74 -0.81 29.48
CA SER A 191 1.60 -1.61 30.69
C SER A 191 2.62 -1.19 31.73
N THR A 192 2.13 -0.74 32.87
CA THR A 192 2.99 -0.31 33.95
C THR A 192 2.73 -1.13 35.22
N LYS A 193 3.81 -1.49 35.92
CA LYS A 193 3.72 -2.10 37.24
C LYS A 193 4.74 -1.41 38.14
N THR A 194 4.25 -0.69 39.15
CA THR A 194 5.12 0.17 39.97
C THR A 194 4.71 0.22 41.44
N PRO A 195 5.64 0.61 42.31
CA PRO A 195 5.22 0.99 43.66
C PRO A 195 4.17 2.11 43.55
N LYS A 196 3.36 2.30 44.58
CA LYS A 196 2.29 3.30 44.52
C LYS A 196 2.77 4.76 44.53
N ASP A 197 3.69 5.08 45.44
CA ASP A 197 4.20 6.44 45.53
C ASP A 197 4.94 6.84 44.26
N PHE A 198 5.17 5.88 43.37
CA PHE A 198 6.13 6.04 42.29
C PHE A 198 6.01 7.35 41.48
N PHE A 199 4.81 7.65 41.03
CA PHE A 199 4.64 8.75 40.07
C PHE A 199 4.58 10.09 40.75
N THR A 200 4.77 10.08 42.06
CA THR A 200 5.08 11.30 42.79
C THR A 200 6.43 11.82 42.30
N ASN A 201 7.39 10.92 42.12
CA ASN A 201 8.74 11.31 41.70
C ASN A 201 9.08 11.13 40.22
N HIS A 202 8.18 10.52 39.45
CA HIS A 202 8.48 10.20 38.06
C HIS A 202 7.29 10.49 37.17
N THR A 203 7.55 10.82 35.92
CA THR A 203 6.47 11.16 35.00
C THR A 203 6.74 10.62 33.60
N LEU A 204 5.73 9.97 33.02
CA LEU A 204 5.84 9.41 31.68
C LEU A 204 5.42 10.42 30.63
N VAL A 205 6.19 10.49 29.55
CA VAL A 205 5.80 11.32 28.41
C VAL A 205 5.78 10.47 27.15
N LEU A 206 4.78 10.71 26.31
CA LEU A 206 4.67 10.02 25.02
C LEU A 206 4.87 11.02 23.88
N HIS A 207 5.74 10.68 22.93
CA HIS A 207 6.09 11.64 21.88
C HIS A 207 6.33 11.07 20.47
N VAL A 208 6.31 11.98 19.50
CA VAL A 208 6.66 11.70 18.10
C VAL A 208 7.64 12.78 17.68
N ALA A 209 8.47 12.48 16.69
CA ALA A 209 9.33 13.52 16.13
C ALA A 209 8.48 14.62 15.52
N ARG A 210 8.93 15.87 15.65
CA ARG A 210 8.20 16.99 15.06
C ARG A 210 8.05 16.77 13.55
N SER A 211 8.98 16.01 12.97
CA SER A 211 8.97 15.72 11.55
C SER A 211 7.88 14.73 11.17
N GLU A 212 7.52 13.84 12.09
CA GLU A 212 6.45 12.89 11.83
C GLU A 212 5.06 13.23 12.39
N MET A 213 4.95 14.31 13.16
CA MET A 213 3.70 14.60 13.90
C MET A 213 2.52 14.96 12.99
N ASP A 214 2.79 15.59 11.86
CA ASP A 214 1.73 15.93 10.93
C ASP A 214 1.19 14.69 10.21
N LYS A 215 1.91 13.60 10.31
CA LYS A 215 1.53 12.36 9.62
C LYS A 215 0.81 11.34 10.51
N VAL A 216 0.56 11.69 11.76
CA VAL A 216 -0.05 10.74 12.67
C VAL A 216 -1.00 11.42 13.66
N ARG A 217 -1.99 10.67 14.15
CA ARG A 217 -2.74 11.11 15.32
C ARG A 217 -2.99 9.96 16.28
N VAL A 218 -2.93 10.28 17.57
CA VAL A 218 -3.05 9.28 18.62
C VAL A 218 -4.13 9.70 19.60
N PHE A 219 -4.91 8.73 20.05
CA PHE A 219 -6.05 8.99 20.93
C PHE A 219 -5.91 8.16 22.20
N GLN A 220 -6.31 8.73 23.32
CA GLN A 220 -6.30 7.97 24.57
C GLN A 220 -7.68 7.40 24.86
N ALA A 221 -7.73 6.10 25.09
CA ALA A 221 -8.98 5.41 25.33
C ALA A 221 -9.24 5.23 26.82
N THR A 222 -10.40 5.69 27.27
CA THR A 222 -10.85 5.52 28.64
C THR A 222 -11.97 4.50 28.72
N CYS A 230 -12.92 9.45 23.81
CA CYS A 230 -11.51 9.36 23.45
C CYS A 230 -10.87 10.74 23.28
N SER A 231 -9.76 10.96 23.96
CA SER A 231 -9.06 12.23 23.90
C SER A 231 -7.76 12.11 23.12
N VAL A 232 -7.47 13.12 22.31
CA VAL A 232 -6.22 13.20 21.56
C VAL A 232 -5.02 13.44 22.48
N VAL A 233 -3.87 12.89 22.09
CA VAL A 233 -2.63 13.07 22.83
C VAL A 233 -1.54 13.63 21.91
N LEU A 234 -1.22 12.89 20.84
CA LEU A 234 -0.26 13.36 19.84
C LEU A 234 -0.95 13.67 18.51
N GLY A 235 -0.39 14.60 17.76
CA GLY A 235 -0.95 14.98 16.47
C GLY A 235 -0.18 16.12 15.84
N PRO A 236 -0.69 16.65 14.72
CA PRO A 236 0.04 17.65 13.92
C PRO A 236 0.53 18.88 14.69
N LYS A 237 -0.17 19.26 15.74
CA LYS A 237 0.28 20.39 16.55
C LYS A 237 0.99 20.02 17.86
N TRP A 238 1.04 18.73 18.18
CA TRP A 238 1.47 18.27 19.51
C TRP A 238 2.45 17.12 19.46
N PRO A 239 3.75 17.41 19.44
CA PRO A 239 4.75 16.34 19.44
C PRO A 239 4.81 15.50 20.73
N SER A 240 4.47 16.06 21.88
CA SER A 240 4.60 15.33 23.15
C SER A 240 3.43 15.53 24.08
N HIS A 241 3.23 14.57 24.99
CA HIS A 241 2.15 14.64 25.96
C HIS A 241 2.49 13.92 27.26
N TYR A 242 2.04 14.46 28.40
CA TYR A 242 2.30 13.86 29.70
C TYR A 242 1.22 12.88 30.08
N LEU A 243 1.62 11.65 30.38
CA LEU A 243 0.64 10.62 30.73
C LEU A 243 0.29 10.70 32.20
N MET A 244 -1.00 10.52 32.53
CA MET A 244 -1.41 10.51 33.92
C MET A 244 -1.61 9.06 34.32
N VAL A 245 -0.70 8.55 35.14
CA VAL A 245 -0.71 7.14 35.44
C VAL A 245 -0.62 6.96 36.95
N PRO A 246 -1.44 6.06 37.50
CA PRO A 246 -1.46 5.67 38.91
C PRO A 246 -0.36 4.67 39.22
N GLY A 247 0.10 4.64 40.46
CA GLY A 247 1.07 3.66 40.88
C GLY A 247 0.45 2.27 40.86
N GLY A 248 1.27 1.24 41.02
CA GLY A 248 0.80 -0.13 40.98
C GLY A 248 0.66 -0.67 39.57
N LYS A 249 -0.27 -1.59 39.39
CA LYS A 249 -0.52 -2.20 38.08
C LYS A 249 -1.55 -1.39 37.30
N HIS A 250 -1.18 -0.92 36.11
CA HIS A 250 -2.10 -0.14 35.29
C HIS A 250 -1.88 -0.41 33.81
N ASN A 251 -2.98 -0.38 33.05
CA ASN A 251 -2.94 -0.56 31.60
C ASN A 251 -3.63 0.58 30.88
N MET A 252 -3.02 1.04 29.79
CA MET A 252 -3.50 2.24 29.12
C MET A 252 -3.59 2.08 27.61
N ASP A 253 -4.80 2.19 27.06
CA ASP A 253 -5.02 2.03 25.62
C ASP A 253 -4.89 3.33 24.82
N PHE A 254 -4.19 3.22 23.70
CA PHE A 254 -4.09 4.31 22.75
C PHE A 254 -4.50 3.78 21.40
N TYR A 255 -5.05 4.65 20.57
CA TYR A 255 -5.47 4.30 19.22
C TYR A 255 -4.84 5.24 18.22
N VAL A 256 -4.07 4.68 17.29
CA VAL A 256 -3.28 5.48 16.35
C VAL A 256 -3.86 5.39 14.94
N GLU A 257 -3.85 6.52 14.23
CA GLU A 257 -4.29 6.57 12.84
C GLU A 257 -3.27 7.37 12.04
N ALA A 258 -2.97 6.95 10.82
CA ALA A 258 -2.06 7.70 9.96
C ALA A 258 -2.84 8.73 9.15
N LEU A 259 -2.23 9.91 8.96
CA LEU A 259 -2.83 10.99 8.17
C LEU A 259 -2.30 11.11 6.74
N ALA A 260 -1.34 10.27 6.36
CA ALA A 260 -0.71 10.40 5.05
C ALA A 260 -0.20 9.08 4.50
N PHE A 261 -0.21 8.96 3.17
CA PHE A 261 0.34 7.80 2.49
C PHE A 261 1.81 8.00 2.28
N PRO A 262 2.56 6.90 2.13
CA PRO A 262 3.96 7.03 1.77
C PRO A 262 4.06 7.87 0.51
N ASP A 263 5.08 8.72 0.43
CA ASP A 263 5.27 9.56 -0.74
C ASP A 263 6.72 9.99 -0.79
N THR A 264 7.07 10.76 -1.82
CA THR A 264 8.45 11.18 -2.03
C THR A 264 9.08 11.73 -0.76
N ASP A 265 8.31 12.54 -0.04
CA ASP A 265 8.80 13.21 1.16
C ASP A 265 8.55 12.40 2.44
N PHE A 266 7.76 11.33 2.33
CA PHE A 266 7.39 10.50 3.46
C PHE A 266 7.61 9.01 3.18
N PRO A 267 8.77 8.47 3.59
CA PRO A 267 9.09 7.04 3.39
C PRO A 267 8.04 6.10 3.95
N GLY A 268 7.25 6.57 4.91
CA GLY A 268 6.16 5.77 5.44
C GLY A 268 6.35 5.12 6.80
N LEU A 269 7.36 5.57 7.54
CA LEU A 269 7.56 5.08 8.91
C LEU A 269 7.21 6.12 9.97
N ILE A 270 6.49 5.69 11.02
CA ILE A 270 6.21 6.54 12.17
C ILE A 270 6.70 5.91 13.46
N THR A 271 7.54 6.62 14.21
CA THR A 271 8.00 6.10 15.51
C THR A 271 7.38 6.83 16.69
N LEU A 272 6.75 6.07 17.59
CA LEU A 272 6.21 6.62 18.82
C LEU A 272 7.07 6.20 20.01
N THR A 273 7.44 7.16 20.85
CA THR A 273 8.34 6.87 21.96
C THR A 273 7.74 7.18 23.32
N ILE A 274 8.05 6.33 24.29
CA ILE A 274 7.69 6.58 25.69
C ILE A 274 8.96 6.86 26.49
N SER A 275 9.00 8.00 27.17
CA SER A 275 10.11 8.34 28.06
C SER A 275 9.66 8.34 29.51
N LEU A 276 10.54 7.85 30.37
CA LEU A 276 10.35 7.91 31.80
C LEU A 276 11.24 9.00 32.38
N LEU A 277 10.62 10.04 32.92
CA LEU A 277 11.37 11.18 33.43
C LEU A 277 11.45 11.16 34.95
N ASP A 278 12.62 11.48 35.49
CA ASP A 278 12.79 11.64 36.92
C ASP A 278 12.62 13.10 37.29
N THR A 279 11.53 13.37 38.00
CA THR A 279 11.21 14.69 38.50
C THR A 279 11.50 14.90 39.99
N SER A 280 12.12 13.92 40.64
CA SER A 280 12.29 13.94 42.09
C SER A 280 13.06 15.16 42.62
N ASN A 281 13.69 15.93 41.74
CA ASN A 281 14.33 17.18 42.15
C ASN A 281 13.64 18.42 41.58
N LEU A 282 13.28 19.33 42.48
CA LEU A 282 12.57 20.53 42.11
C LEU A 282 13.51 21.60 41.55
N GLU A 283 14.72 21.65 42.08
CA GLU A 283 15.65 22.69 41.67
C GLU A 283 16.32 22.36 40.34
N LEU A 284 16.11 21.14 39.85
CA LEU A 284 16.73 20.73 38.61
C LEU A 284 15.69 20.43 37.57
N PRO A 285 16.12 20.16 36.33
CA PRO A 285 15.22 19.74 35.27
C PRO A 285 14.94 18.24 35.31
N GLU A 286 14.04 17.79 34.45
CA GLU A 286 13.67 16.38 34.37
C GLU A 286 14.86 15.56 33.87
N ALA A 287 14.99 14.33 34.36
CA ALA A 287 16.11 13.52 33.93
C ALA A 287 15.66 12.17 33.39
N VAL A 288 15.87 11.94 32.09
CA VAL A 288 15.33 10.74 31.48
C VAL A 288 16.07 9.51 31.99
N VAL A 289 15.30 8.61 32.58
CA VAL A 289 15.78 7.31 33.02
C VAL A 289 15.75 6.29 31.88
N PHE A 290 14.66 6.30 31.11
CA PHE A 290 14.37 5.20 30.22
C PHE A 290 13.53 5.64 29.01
N GLN A 291 13.81 5.07 27.84
CA GLN A 291 13.03 5.34 26.65
C GLN A 291 12.74 4.06 25.92
N ASP A 292 11.54 3.95 25.36
CA ASP A 292 11.20 2.83 24.52
C ASP A 292 10.26 3.28 23.40
N SER A 293 10.27 2.52 22.30
CA SER A 293 9.57 2.93 21.10
C SER A 293 8.88 1.77 20.41
N VAL A 294 7.96 2.10 19.52
CA VAL A 294 7.47 1.15 18.54
C VAL A 294 7.60 1.82 17.17
N VAL A 295 7.77 1.04 16.13
CA VAL A 295 7.79 1.61 14.79
C VAL A 295 6.58 1.13 14.01
N PHE A 296 5.80 2.07 13.49
CA PHE A 296 4.68 1.75 12.63
C PHE A 296 5.06 2.01 11.18
N ARG A 297 4.54 1.18 10.28
CA ARG A 297 4.70 1.45 8.86
C ARG A 297 3.33 1.70 8.24
N VAL A 298 3.19 2.84 7.60
CA VAL A 298 1.94 3.21 6.95
C VAL A 298 1.72 2.28 5.77
N ALA A 299 0.53 1.68 5.72
CA ALA A 299 0.17 0.74 4.67
C ALA A 299 0.05 1.42 3.34
N PRO A 300 0.63 0.81 2.28
CA PRO A 300 0.58 1.39 0.94
C PRO A 300 -0.78 1.22 0.29
N TRP A 301 -1.02 1.99 -0.77
CA TRP A 301 -2.22 1.84 -1.60
C TRP A 301 -1.92 0.80 -2.66
N ILE A 302 -2.80 -0.18 -2.81
CA ILE A 302 -2.55 -1.28 -3.74
C ILE A 302 -3.64 -1.46 -4.80
N MET A 303 -3.22 -1.63 -6.05
CA MET A 303 -4.12 -1.96 -7.17
C MET A 303 -4.45 -3.45 -7.32
N THR A 304 -5.60 -3.76 -7.91
CA THR A 304 -6.00 -5.15 -8.18
C THR A 304 -6.06 -5.50 -9.69
N PRO A 305 -5.30 -6.53 -10.12
CA PRO A 305 -5.36 -6.99 -11.51
C PRO A 305 -6.67 -7.70 -11.86
N ASN A 306 -6.97 -7.76 -13.16
CA ASN A 306 -8.17 -8.43 -13.66
C ASN A 306 -8.24 -9.88 -13.27
N THR A 307 -7.09 -10.46 -12.93
CA THR A 307 -7.03 -11.86 -12.53
C THR A 307 -7.73 -12.10 -11.19
N GLN A 308 -7.87 -11.04 -10.40
CA GLN A 308 -8.57 -11.11 -9.13
C GLN A 308 -10.09 -11.07 -9.33
N PRO A 309 -10.83 -11.86 -8.54
CA PRO A 309 -12.30 -12.01 -8.56
C PRO A 309 -13.02 -10.70 -8.24
N PRO A 310 -14.00 -10.33 -9.07
CA PRO A 310 -14.72 -9.05 -8.98
C PRO A 310 -15.75 -9.02 -7.85
N GLN A 311 -16.15 -7.82 -7.44
CA GLN A 311 -17.04 -7.61 -6.30
C GLN A 311 -18.23 -6.73 -6.67
N GLU A 312 -17.97 -5.50 -7.09
CA GLU A 312 -19.04 -4.63 -7.57
C GLU A 312 -18.64 -3.97 -8.89
N VAL A 313 -19.62 -3.57 -9.69
CA VAL A 313 -19.34 -2.97 -10.99
C VAL A 313 -19.89 -1.55 -11.13
N TYR A 314 -19.23 -0.76 -11.97
CA TYR A 314 -19.48 0.67 -12.08
C TYR A 314 -19.69 1.09 -13.53
N ALA A 315 -20.72 1.88 -13.77
CA ALA A 315 -20.90 2.52 -15.08
C ALA A 315 -21.81 3.74 -14.95
N CYS A 316 -21.76 4.64 -15.92
CA CYS A 316 -22.58 5.84 -15.87
C CYS A 316 -23.28 6.13 -17.19
N GLU A 322 -29.07 2.78 -23.33
CA GLU A 322 -29.84 1.71 -22.71
C GLU A 322 -29.41 0.33 -23.23
N ASP A 323 -29.07 0.27 -24.51
CA ASP A 323 -28.52 -0.94 -25.13
C ASP A 323 -27.41 -1.54 -24.28
N PHE A 324 -26.46 -0.68 -23.92
CA PHE A 324 -25.26 -1.00 -23.15
C PHE A 324 -25.54 -1.65 -21.79
N LEU A 325 -26.19 -0.86 -20.94
CA LEU A 325 -26.34 -1.15 -19.51
C LEU A 325 -26.93 -2.52 -19.20
N LYS A 326 -27.82 -3.00 -20.06
CA LYS A 326 -28.44 -4.30 -19.89
C LYS A 326 -27.47 -5.41 -20.21
N SER A 327 -26.62 -5.17 -21.20
CA SER A 327 -25.61 -6.15 -21.60
C SER A 327 -24.59 -6.32 -20.49
N VAL A 328 -24.03 -5.19 -20.08
CA VAL A 328 -23.10 -5.21 -18.96
C VAL A 328 -23.81 -5.67 -17.66
N THR A 329 -25.13 -5.55 -17.61
CA THR A 329 -25.90 -5.98 -16.44
C THR A 329 -26.04 -7.51 -16.37
N THR A 330 -26.44 -8.12 -17.48
CA THR A 330 -26.52 -9.57 -17.52
C THR A 330 -25.13 -10.10 -17.24
N LEU A 331 -24.13 -9.43 -17.82
CA LEU A 331 -22.76 -9.84 -17.61
C LEU A 331 -22.39 -9.82 -16.14
N ALA A 332 -22.57 -8.66 -15.51
CA ALA A 332 -22.25 -8.48 -14.10
C ALA A 332 -22.93 -9.56 -13.27
N MET A 333 -24.20 -9.81 -13.60
CA MET A 333 -24.95 -10.89 -12.96
C MET A 333 -24.21 -12.22 -13.06
N LYS A 334 -24.03 -12.70 -14.28
CA LYS A 334 -23.41 -14.00 -14.51
C LYS A 334 -22.10 -14.07 -13.71
N ALA A 335 -21.51 -12.91 -13.44
CA ALA A 335 -20.27 -12.82 -12.67
C ALA A 335 -20.50 -12.51 -11.18
N LYS A 336 -21.76 -12.48 -10.76
CA LYS A 336 -22.12 -12.28 -9.34
C LYS A 336 -21.64 -10.97 -8.70
N CYS A 337 -21.92 -9.85 -9.35
CA CYS A 337 -21.46 -8.55 -8.87
C CYS A 337 -22.60 -7.56 -8.66
N LYS A 338 -22.44 -6.66 -7.70
CA LYS A 338 -23.38 -5.57 -7.51
C LYS A 338 -23.14 -4.56 -8.63
N LEU A 339 -24.00 -3.55 -8.73
CA LEU A 339 -23.84 -2.53 -9.76
C LEU A 339 -24.31 -1.17 -9.29
N THR A 340 -23.66 -0.13 -9.78
CA THR A 340 -24.04 1.24 -9.47
C THR A 340 -23.91 2.13 -10.70
N ILE A 341 -24.87 3.03 -10.89
CA ILE A 341 -24.86 3.91 -12.06
C ILE A 341 -24.84 5.38 -11.68
N CYS A 342 -24.22 6.20 -12.51
CA CYS A 342 -24.26 7.64 -12.32
C CYS A 342 -25.13 8.28 -13.39
N PRO A 343 -26.27 8.87 -12.97
CA PRO A 343 -27.21 9.57 -13.86
C PRO A 343 -26.52 10.75 -14.53
N GLU A 344 -27.06 11.23 -15.65
CA GLU A 344 -26.48 12.39 -16.33
C GLU A 344 -26.20 13.53 -15.37
N GLU A 345 -27.25 14.03 -14.72
CA GLU A 345 -27.16 15.32 -14.06
C GLU A 345 -25.86 15.47 -13.28
N GLU A 346 -25.44 14.40 -12.60
CA GLU A 346 -24.14 14.36 -11.93
C GLU A 346 -22.98 14.25 -12.94
N ASN A 347 -23.06 13.26 -13.83
CA ASN A 347 -22.05 13.09 -14.87
C ASN A 347 -21.75 14.35 -15.66
N MET A 348 -22.81 15.09 -16.01
CA MET A 348 -22.64 16.32 -16.75
C MET A 348 -21.97 16.06 -18.11
N ASP A 349 -22.42 15.05 -18.84
CA ASP A 349 -21.90 14.71 -20.18
C ASP A 349 -20.69 13.75 -20.24
N ASP A 350 -20.14 13.37 -19.09
CA ASP A 350 -18.94 12.53 -19.05
C ASP A 350 -19.26 11.04 -18.87
N GLN A 351 -19.02 10.23 -19.91
CA GLN A 351 -19.36 8.81 -19.87
C GLN A 351 -18.20 7.86 -19.53
N TRP A 352 -17.01 8.39 -19.24
CA TRP A 352 -15.86 7.53 -18.98
C TRP A 352 -15.57 7.42 -17.49
N MET A 353 -15.92 6.27 -16.93
CA MET A 353 -15.74 6.00 -15.50
C MET A 353 -14.42 5.31 -15.22
N GLN A 354 -13.77 4.89 -16.30
CA GLN A 354 -12.50 4.20 -16.21
C GLN A 354 -11.39 5.22 -15.96
N ASP A 355 -11.56 6.40 -16.55
CA ASP A 355 -10.52 7.43 -16.58
C ASP A 355 -10.41 8.26 -15.29
N GLU A 356 -11.51 8.51 -14.59
CA GLU A 356 -11.46 9.42 -13.46
C GLU A 356 -11.01 8.78 -12.14
N MET A 357 -11.06 7.44 -12.05
CA MET A 357 -10.75 6.79 -10.78
C MET A 357 -10.22 5.36 -10.91
N GLU A 358 -9.60 4.90 -9.83
CA GLU A 358 -9.07 3.54 -9.74
C GLU A 358 -9.33 2.99 -8.35
N ILE A 359 -9.98 1.84 -8.26
CA ILE A 359 -10.29 1.29 -6.94
C ILE A 359 -9.18 0.34 -6.48
N GLY A 360 -8.44 0.78 -5.46
CA GLY A 360 -7.43 -0.04 -4.82
C GLY A 360 -7.88 -0.41 -3.42
N TYR A 361 -6.91 -0.70 -2.56
CA TYR A 361 -7.21 -0.99 -1.17
C TYR A 361 -5.99 -0.73 -0.27
N ILE A 362 -6.25 -0.62 1.03
CA ILE A 362 -5.19 -0.63 2.03
C ILE A 362 -5.48 -1.76 3.02
N GLN A 363 -4.41 -2.31 3.59
CA GLN A 363 -4.50 -3.57 4.30
C GLN A 363 -3.67 -3.59 5.59
N ALA A 364 -4.30 -3.97 6.70
CA ALA A 364 -3.58 -4.20 7.95
C ALA A 364 -4.14 -5.47 8.58
N PRO A 365 -3.32 -6.15 9.38
CA PRO A 365 -3.76 -7.43 9.98
C PRO A 365 -5.15 -7.32 10.60
N HIS A 366 -5.40 -6.19 11.27
CA HIS A 366 -6.68 -5.97 11.91
C HIS A 366 -7.79 -5.50 10.95
N LYS A 367 -7.41 -4.82 9.87
CA LYS A 367 -8.41 -4.23 8.98
C LYS A 367 -7.97 -4.17 7.52
N THR A 368 -8.92 -4.39 6.61
CA THR A 368 -8.64 -4.26 5.19
C THR A 368 -9.77 -3.53 4.51
N LEU A 369 -9.51 -2.37 3.92
CA LEU A 369 -10.59 -1.67 3.24
C LEU A 369 -10.20 -1.09 1.90
N PRO A 370 -11.18 -0.99 0.98
CA PRO A 370 -11.00 -0.39 -0.34
C PRO A 370 -10.78 1.10 -0.28
N VAL A 371 -9.90 1.59 -1.14
CA VAL A 371 -9.62 3.01 -1.20
C VAL A 371 -9.66 3.46 -2.66
N VAL A 372 -10.31 4.58 -2.91
CA VAL A 372 -10.41 5.11 -4.27
C VAL A 372 -9.34 6.13 -4.57
N PHE A 373 -8.54 5.83 -5.60
CA PHE A 373 -7.60 6.81 -6.11
C PHE A 373 -8.35 7.64 -7.12
N ASP A 374 -8.32 8.95 -6.91
CA ASP A 374 -9.09 9.87 -7.72
C ASP A 374 -8.19 10.67 -8.65
N SER A 375 -8.37 10.49 -9.96
CA SER A 375 -7.52 11.13 -10.94
C SER A 375 -7.72 12.65 -11.02
N PRO A 376 -6.62 13.38 -11.17
CA PRO A 376 -6.58 14.84 -11.27
C PRO A 376 -7.26 15.39 -12.54
N ARG A 377 -7.54 14.54 -13.51
CA ARG A 377 -8.08 14.99 -14.80
C ARG A 377 -9.34 15.85 -14.68
N ASN A 378 -10.25 15.49 -13.78
CA ASN A 378 -11.36 16.36 -13.39
C ASN A 378 -12.24 16.87 -14.52
N ARG A 379 -13.06 16.02 -15.14
CA ARG A 379 -13.91 16.56 -16.19
C ARG A 379 -15.41 16.56 -15.89
N GLY A 380 -16.10 15.45 -16.09
CA GLY A 380 -17.50 15.40 -15.73
C GLY A 380 -17.80 14.64 -14.45
N LEU A 381 -16.87 13.75 -14.08
CA LEU A 381 -17.11 12.80 -12.99
C LEU A 381 -16.45 13.20 -11.66
N LYS A 382 -15.72 14.31 -11.64
CA LYS A 382 -14.85 14.65 -10.51
C LYS A 382 -15.51 14.50 -9.13
N GLU A 383 -16.77 14.91 -9.02
CA GLU A 383 -17.48 14.86 -7.74
C GLU A 383 -17.80 13.43 -7.33
N PHE A 384 -17.98 12.57 -8.33
CA PHE A 384 -18.42 11.20 -8.11
C PHE A 384 -17.56 10.40 -7.12
N PRO A 385 -16.22 10.40 -7.31
CA PRO A 385 -15.34 9.71 -6.36
C PRO A 385 -15.40 10.30 -4.95
N ILE A 386 -15.40 11.62 -4.84
CA ILE A 386 -15.42 12.26 -3.52
C ILE A 386 -16.81 12.18 -2.85
N LYS A 387 -17.81 11.72 -3.58
CA LYS A 387 -19.17 11.69 -3.03
C LYS A 387 -19.82 10.30 -2.94
N ARG A 388 -20.16 9.71 -4.09
CA ARG A 388 -20.92 8.46 -4.11
C ARG A 388 -20.11 7.24 -3.67
N VAL A 389 -18.88 7.13 -4.15
CA VAL A 389 -18.03 5.98 -3.86
C VAL A 389 -17.40 6.08 -2.47
N MET A 390 -16.99 7.28 -2.08
CA MET A 390 -16.37 7.50 -0.77
C MET A 390 -17.44 7.52 0.34
N GLY A 391 -17.16 6.82 1.44
CA GLY A 391 -18.16 6.61 2.48
C GLY A 391 -17.70 5.60 3.51
N PRO A 392 -18.65 4.92 4.17
CA PRO A 392 -18.30 3.95 5.21
C PRO A 392 -17.44 2.83 4.65
N ASP A 393 -16.29 2.61 5.27
CA ASP A 393 -15.36 1.58 4.80
C ASP A 393 -15.00 1.71 3.31
N PHE A 394 -15.01 2.94 2.81
CA PHE A 394 -14.47 3.22 1.49
C PHE A 394 -13.56 4.44 1.57
N GLY A 395 -12.26 4.22 1.35
CA GLY A 395 -11.27 5.26 1.50
C GLY A 395 -11.15 6.11 0.26
N TYR A 396 -10.43 7.23 0.39
CA TYR A 396 -10.22 8.13 -0.72
C TYR A 396 -8.82 8.70 -0.69
N VAL A 397 -8.24 8.91 -1.87
CA VAL A 397 -6.93 9.54 -1.99
C VAL A 397 -6.85 10.26 -3.34
N THR A 398 -5.99 11.26 -3.44
CA THR A 398 -5.78 11.97 -4.70
C THR A 398 -4.39 12.62 -4.81
N ARG A 399 -3.92 12.80 -6.04
CA ARG A 399 -2.64 13.44 -6.33
C ARG A 399 -2.73 14.27 -7.62
N GLY A 400 -1.81 15.22 -7.79
CA GLY A 400 -1.81 16.07 -8.97
C GLY A 400 -2.39 17.44 -8.67
N PRO A 401 -2.17 18.41 -9.58
CA PRO A 401 -2.60 19.80 -9.37
C PRO A 401 -4.12 20.00 -9.18
N GLN A 402 -4.94 19.40 -10.04
CA GLN A 402 -6.41 19.55 -9.99
C GLN A 402 -6.85 20.95 -10.43
N THR A 403 -5.90 21.88 -10.47
CA THR A 403 -6.15 23.22 -10.99
C THR A 403 -6.11 23.23 -12.52
N GLY A 404 -5.20 22.43 -13.07
CA GLY A 404 -4.93 22.40 -14.50
C GLY A 404 -3.52 21.89 -14.73
N GLY A 405 -2.96 22.11 -15.91
CA GLY A 405 -1.62 21.62 -16.19
C GLY A 405 -1.58 20.10 -16.19
N ILE A 406 -2.40 19.51 -17.06
CA ILE A 406 -2.67 18.08 -17.04
C ILE A 406 -2.58 17.46 -18.43
N SER A 407 -2.40 16.14 -18.48
CA SER A 407 -2.31 15.41 -19.74
C SER A 407 -3.42 14.39 -19.89
N GLY A 408 -3.42 13.70 -21.02
CA GLY A 408 -4.38 12.63 -21.28
C GLY A 408 -3.88 11.33 -20.70
N LEU A 409 -2.59 11.26 -20.41
CA LEU A 409 -2.02 10.07 -19.82
C LEU A 409 -2.27 10.10 -18.31
N ASP A 410 -2.93 11.16 -17.87
CA ASP A 410 -3.23 11.34 -16.46
C ASP A 410 -4.54 10.67 -16.06
N SER A 411 -5.33 10.28 -17.05
CA SER A 411 -6.55 9.51 -16.76
C SER A 411 -6.19 8.04 -16.55
N PHE A 412 -7.01 7.33 -15.80
CA PHE A 412 -6.65 6.00 -15.30
C PHE A 412 -6.91 4.91 -16.33
N GLY A 413 -7.32 5.31 -17.52
CA GLY A 413 -7.23 4.41 -18.64
C GLY A 413 -5.77 4.01 -18.75
N ASN A 414 -4.91 4.94 -18.33
CA ASN A 414 -3.46 4.77 -18.43
C ASN A 414 -2.79 4.14 -17.21
N LEU A 415 -3.57 3.74 -16.23
CA LEU A 415 -3.03 3.09 -15.05
C LEU A 415 -3.54 1.66 -14.95
N GLU A 416 -2.64 0.68 -15.00
CA GLU A 416 -3.03 -0.71 -14.86
C GLU A 416 -2.05 -1.48 -13.97
N VAL A 417 -2.32 -2.76 -13.73
CA VAL A 417 -1.39 -3.60 -12.99
C VAL A 417 -1.40 -5.05 -13.49
N SER A 418 -0.24 -5.65 -13.56
CA SER A 418 -0.12 -7.04 -13.96
C SER A 418 -0.55 -7.94 -12.81
N PRO A 419 -0.82 -9.21 -13.11
CA PRO A 419 -1.09 -10.25 -12.10
C PRO A 419 0.20 -10.62 -11.38
N PRO A 420 0.11 -11.33 -10.24
CA PRO A 420 1.34 -11.72 -9.54
C PRO A 420 2.30 -12.37 -10.52
N VAL A 421 3.59 -12.06 -10.41
CA VAL A 421 4.54 -12.55 -11.38
C VAL A 421 5.95 -12.64 -10.78
N THR A 422 6.78 -13.54 -11.30
CA THR A 422 8.16 -13.66 -10.83
C THR A 422 9.13 -13.36 -11.96
N VAL A 423 9.99 -12.38 -11.74
CA VAL A 423 10.94 -12.01 -12.76
C VAL A 423 12.33 -12.33 -12.27
N ARG A 424 12.99 -13.26 -12.97
CA ARG A 424 14.37 -13.61 -12.70
C ARG A 424 14.66 -13.85 -11.22
N GLY A 425 13.76 -14.58 -10.56
CA GLY A 425 13.95 -14.96 -9.17
C GLY A 425 13.53 -13.89 -8.18
N LYS A 426 12.90 -12.83 -8.68
CA LYS A 426 12.40 -11.76 -7.83
C LYS A 426 10.87 -11.82 -7.82
N GLU A 427 10.29 -11.97 -6.64
CA GLU A 427 8.86 -12.26 -6.55
C GLU A 427 8.00 -11.00 -6.40
N TYR A 428 7.02 -10.87 -7.29
CA TYR A 428 6.09 -9.76 -7.31
C TYR A 428 4.69 -10.31 -7.11
N PRO A 429 4.38 -10.67 -5.86
CA PRO A 429 3.13 -11.32 -5.45
C PRO A 429 1.91 -10.44 -5.61
N LEU A 430 2.09 -9.13 -5.57
CA LEU A 430 0.97 -8.21 -5.72
C LEU A 430 0.85 -7.66 -7.13
N GLY A 431 1.74 -8.12 -8.01
CA GLY A 431 1.76 -7.62 -9.38
C GLY A 431 2.73 -6.48 -9.58
N ARG A 432 2.65 -5.85 -10.74
CA ARG A 432 3.56 -4.77 -11.08
C ARG A 432 2.76 -3.69 -11.77
N ILE A 433 2.85 -2.45 -11.31
CA ILE A 433 2.08 -1.37 -11.90
C ILE A 433 2.61 -1.02 -13.28
N LEU A 434 1.70 -0.84 -14.23
CA LEU A 434 2.05 -0.54 -15.61
C LEU A 434 1.37 0.77 -15.97
N PHE A 435 2.11 1.73 -16.49
CA PHE A 435 1.49 2.95 -16.97
C PHE A 435 2.20 3.45 -18.21
N GLY A 436 1.48 4.18 -19.05
CA GLY A 436 1.98 4.55 -20.36
C GLY A 436 2.78 5.82 -20.39
N ASP A 437 3.60 5.96 -21.42
CA ASP A 437 4.52 7.08 -21.52
C ASP A 437 5.02 7.22 -22.96
N SER A 438 5.92 8.17 -23.16
CA SER A 438 6.59 8.32 -24.44
C SER A 438 7.89 7.55 -24.39
N CYS A 439 8.62 7.51 -25.50
CA CYS A 439 9.94 6.88 -25.47
C CYS A 439 11.04 7.79 -24.95
N TYR A 440 10.99 9.05 -25.37
CA TYR A 440 11.87 10.07 -24.83
C TYR A 440 11.11 11.39 -24.76
N PRO A 441 11.53 12.26 -23.83
CA PRO A 441 10.88 13.57 -23.66
C PRO A 441 11.12 14.54 -24.83
N SER A 442 10.04 15.13 -25.34
CA SER A 442 10.12 16.17 -26.37
C SER A 442 9.07 17.23 -26.10
N ASN A 443 8.93 18.20 -27.00
CA ASN A 443 7.92 19.24 -26.84
C ASN A 443 6.53 18.67 -27.05
N ASP A 444 6.44 17.72 -27.97
CA ASP A 444 5.17 17.17 -28.40
C ASP A 444 4.82 15.88 -27.65
N SER A 445 5.72 15.43 -26.78
CA SER A 445 5.48 14.22 -26.02
C SER A 445 4.58 14.49 -24.81
N ARG A 446 3.89 13.44 -24.36
CA ARG A 446 3.02 13.50 -23.19
C ARG A 446 3.50 12.48 -22.15
N GLN A 447 3.13 12.72 -20.90
CA GLN A 447 3.51 11.85 -19.80
C GLN A 447 2.48 11.95 -18.68
N MET A 448 2.48 10.98 -17.78
CA MET A 448 1.66 11.05 -16.59
C MET A 448 2.29 12.05 -15.64
N HIS A 449 1.48 12.79 -14.89
CA HIS A 449 2.03 13.81 -14.01
C HIS A 449 3.00 13.22 -13.00
N GLN A 450 4.09 13.94 -12.76
CA GLN A 450 5.17 13.43 -11.94
C GLN A 450 4.68 13.01 -10.57
N ALA A 451 3.69 13.74 -10.04
CA ALA A 451 3.21 13.50 -8.69
C ALA A 451 2.60 12.11 -8.55
N LEU A 452 1.85 11.70 -9.58
CA LEU A 452 1.24 10.38 -9.63
C LEU A 452 2.32 9.30 -9.69
N GLN A 453 3.25 9.45 -10.63
CA GLN A 453 4.35 8.52 -10.77
C GLN A 453 5.07 8.31 -9.44
N ASP A 454 5.41 9.43 -8.81
CA ASP A 454 6.08 9.41 -7.52
C ASP A 454 5.23 8.70 -6.47
N PHE A 455 3.94 9.03 -6.43
CA PHE A 455 3.02 8.36 -5.52
C PHE A 455 3.14 6.85 -5.71
N LEU A 456 3.01 6.39 -6.95
CA LEU A 456 3.03 4.95 -7.23
C LEU A 456 4.35 4.31 -6.82
N SER A 457 5.46 4.97 -7.11
CA SER A 457 6.75 4.43 -6.70
C SER A 457 6.88 4.32 -5.18
N ALA A 458 6.31 5.28 -4.44
CA ALA A 458 6.43 5.34 -2.98
C ALA A 458 5.74 4.19 -2.25
N GLN A 459 4.82 3.51 -2.94
CA GLN A 459 4.13 2.38 -2.33
C GLN A 459 5.01 1.14 -2.35
N GLN A 460 5.83 1.01 -3.39
CA GLN A 460 6.93 0.04 -3.46
C GLN A 460 6.49 -1.39 -3.66
N VAL A 461 5.24 -1.70 -3.32
CA VAL A 461 4.87 -3.10 -3.27
C VAL A 461 4.66 -3.66 -4.67
N GLN A 462 4.13 -2.86 -5.58
CA GLN A 462 4.18 -3.25 -6.97
C GLN A 462 5.00 -2.25 -7.80
N ALA A 463 6.23 -2.60 -8.16
CA ALA A 463 7.14 -1.63 -8.78
C ALA A 463 6.59 -1.16 -10.11
N PRO A 464 6.26 0.14 -10.22
CA PRO A 464 5.66 0.54 -11.50
C PRO A 464 6.60 0.34 -12.68
N VAL A 465 6.01 0.09 -13.86
CA VAL A 465 6.73 -0.07 -15.11
C VAL A 465 6.17 0.89 -16.18
N LYS A 466 7.07 1.56 -16.89
CA LYS A 466 6.68 2.50 -17.94
C LYS A 466 6.64 1.80 -19.28
N LEU A 467 5.58 2.02 -20.03
CA LEU A 467 5.39 1.38 -21.33
C LEU A 467 5.28 2.52 -22.31
N TYR A 468 5.35 2.25 -23.60
CA TYR A 468 5.22 3.33 -24.55
C TYR A 468 3.78 3.34 -25.11
N SER A 469 2.96 4.24 -24.58
CA SER A 469 1.59 4.45 -25.06
C SER A 469 1.36 5.75 -25.83
N ASP A 470 2.38 6.60 -25.92
CA ASP A 470 2.18 7.96 -26.41
C ASP A 470 1.89 8.00 -27.91
N TRP A 471 2.10 6.86 -28.57
CA TRP A 471 1.82 6.74 -29.99
C TRP A 471 0.32 6.75 -30.24
N LEU A 472 -0.44 6.25 -29.28
CA LEU A 472 -1.90 6.27 -29.35
C LEU A 472 -2.44 7.68 -29.19
N SER A 473 -3.53 7.96 -29.89
CA SER A 473 -4.13 9.29 -29.85
C SER A 473 -4.53 9.67 -28.43
N VAL A 474 -5.30 8.78 -27.79
CA VAL A 474 -5.66 8.94 -26.39
C VAL A 474 -4.47 8.62 -25.51
N GLY A 475 -3.73 7.56 -25.88
CA GLY A 475 -2.49 7.21 -25.21
C GLY A 475 -2.59 6.35 -23.96
N HIS A 476 -3.59 5.48 -23.90
CA HIS A 476 -3.76 4.62 -22.73
C HIS A 476 -3.28 3.20 -22.97
N VAL A 477 -2.69 2.59 -21.95
CA VAL A 477 -2.15 1.24 -22.09
C VAL A 477 -3.25 0.19 -22.32
N ASP A 478 -4.43 0.45 -21.78
CA ASP A 478 -5.55 -0.48 -21.95
C ASP A 478 -6.02 -0.52 -23.40
N GLU A 479 -5.56 0.44 -24.20
CA GLU A 479 -5.88 0.47 -25.61
C GLU A 479 -5.20 -0.66 -26.37
N PHE A 480 -3.92 -0.92 -26.08
CA PHE A 480 -3.26 -2.08 -26.69
C PHE A 480 -3.10 -3.37 -25.84
N LEU A 481 -3.49 -3.34 -24.56
CA LEU A 481 -3.28 -4.54 -23.73
C LEU A 481 -4.39 -4.88 -22.72
N SER A 482 -4.47 -6.16 -22.37
CA SER A 482 -5.36 -6.61 -21.30
C SER A 482 -4.80 -7.87 -20.69
N PHE A 483 -5.26 -8.23 -19.50
CA PHE A 483 -4.87 -9.48 -18.88
C PHE A 483 -6.09 -10.32 -18.60
N VAL A 484 -5.97 -11.64 -18.73
CA VAL A 484 -7.07 -12.54 -18.46
C VAL A 484 -6.67 -13.72 -17.57
N PRO A 485 -7.64 -14.27 -16.82
CA PRO A 485 -7.45 -15.46 -15.98
C PRO A 485 -7.14 -16.70 -16.81
N ALA A 486 -6.18 -17.51 -16.41
CA ALA A 486 -5.91 -18.77 -17.10
C ALA A 486 -5.89 -19.94 -16.13
N PRO A 487 -6.45 -21.07 -16.57
CA PRO A 487 -6.46 -22.30 -15.76
C PRO A 487 -5.08 -22.93 -15.61
N ASP A 488 -4.14 -22.58 -16.49
CA ASP A 488 -2.83 -23.23 -16.45
C ASP A 488 -1.68 -22.25 -16.55
N ARG A 489 -0.47 -22.81 -16.65
CA ARG A 489 0.74 -21.99 -16.70
C ARG A 489 0.79 -21.06 -15.50
N LYS A 490 0.95 -19.76 -15.78
CA LYS A 490 1.07 -18.77 -14.72
C LYS A 490 -0.31 -18.32 -14.24
N GLY A 491 -1.35 -18.86 -14.87
CA GLY A 491 -2.70 -18.59 -14.43
C GLY A 491 -3.27 -17.33 -15.01
N PHE A 492 -2.64 -16.84 -16.07
CA PHE A 492 -3.15 -15.69 -16.80
C PHE A 492 -2.57 -15.67 -18.19
N ARG A 493 -3.20 -14.90 -19.07
CA ARG A 493 -2.64 -14.60 -20.38
C ARG A 493 -2.59 -13.09 -20.56
N LEU A 494 -1.53 -12.64 -21.21
CA LEU A 494 -1.45 -11.27 -21.70
C LEU A 494 -2.07 -11.20 -23.08
N LEU A 495 -3.05 -10.33 -23.24
CA LEU A 495 -3.63 -10.07 -24.54
C LEU A 495 -3.08 -8.77 -25.08
N LEU A 496 -2.57 -8.83 -26.30
CA LEU A 496 -2.08 -7.68 -27.01
C LEU A 496 -2.84 -7.54 -28.32
N ALA A 497 -3.17 -6.30 -28.69
CA ALA A 497 -3.70 -6.03 -30.03
C ALA A 497 -2.68 -6.45 -31.09
N SER A 498 -3.16 -7.07 -32.17
CA SER A 498 -2.30 -7.60 -33.22
C SER A 498 -2.80 -7.27 -34.62
N PRO A 499 -2.34 -6.15 -35.20
CA PRO A 499 -2.79 -5.84 -36.56
C PRO A 499 -2.41 -6.95 -37.53
N ARG A 500 -1.23 -7.55 -37.35
CA ARG A 500 -0.79 -8.67 -38.17
C ARG A 500 -1.79 -9.80 -38.17
N SER A 501 -2.26 -10.14 -36.97
CA SER A 501 -3.23 -11.22 -36.76
C SER A 501 -4.52 -10.98 -37.55
N CYS A 502 -4.93 -9.72 -37.59
CA CYS A 502 -6.13 -9.33 -38.32
C CYS A 502 -5.92 -9.36 -39.84
N TYR A 503 -4.80 -8.81 -40.29
CA TYR A 503 -4.46 -8.84 -41.71
C TYR A 503 -4.46 -10.28 -42.20
N LYS A 504 -3.85 -11.15 -41.43
CA LYS A 504 -3.80 -12.57 -41.78
C LYS A 504 -5.19 -13.19 -41.78
N LEU A 505 -6.01 -12.85 -40.78
CA LEU A 505 -7.38 -13.34 -40.73
C LEU A 505 -8.14 -12.99 -42.01
N PHE A 506 -8.09 -11.72 -42.39
CA PHE A 506 -8.74 -11.27 -43.62
C PHE A 506 -8.16 -11.92 -44.86
N GLN A 507 -6.84 -12.14 -44.86
CA GLN A 507 -6.20 -12.76 -46.01
C GLN A 507 -6.71 -14.16 -46.21
N GLU A 508 -6.65 -14.98 -45.17
CA GLU A 508 -7.21 -16.32 -45.25
C GLU A 508 -8.67 -16.25 -45.70
N GLN A 509 -9.41 -15.31 -45.15
CA GLN A 509 -10.81 -15.12 -45.53
C GLN A 509 -10.98 -14.89 -47.03
N GLN A 510 -10.10 -14.07 -47.60
CA GLN A 510 -10.15 -13.76 -49.02
C GLN A 510 -9.82 -15.02 -49.82
N ASN A 511 -8.76 -15.71 -49.40
CA ASN A 511 -8.34 -16.94 -50.06
C ASN A 511 -9.47 -17.95 -50.22
N GLU A 512 -10.38 -17.96 -49.25
CA GLU A 512 -11.51 -18.88 -49.30
C GLU A 512 -12.70 -18.30 -50.05
N GLY A 513 -12.51 -17.13 -50.66
CA GLY A 513 -13.49 -16.56 -51.56
C GLY A 513 -14.43 -15.53 -50.95
N HIS A 514 -14.14 -15.15 -49.71
CA HIS A 514 -14.98 -14.20 -48.99
C HIS A 514 -14.51 -12.74 -49.12
N GLY A 515 -13.52 -12.52 -49.99
CA GLY A 515 -12.91 -11.21 -50.12
C GLY A 515 -13.88 -10.10 -50.50
N GLU A 516 -15.12 -10.47 -50.83
CA GLU A 516 -16.15 -9.49 -51.12
C GLU A 516 -16.86 -9.03 -49.85
N ALA A 517 -16.56 -9.67 -48.73
CA ALA A 517 -17.28 -9.43 -47.48
C ALA A 517 -17.19 -8.00 -46.98
N LEU A 518 -18.32 -7.46 -46.51
CA LEU A 518 -18.39 -6.09 -46.05
C LEU A 518 -18.09 -5.94 -44.57
N LEU A 519 -17.18 -5.03 -44.27
CA LEU A 519 -16.88 -4.65 -42.90
C LEU A 519 -17.73 -3.43 -42.58
N PHE A 520 -18.20 -3.33 -41.34
CA PHE A 520 -19.13 -2.29 -40.91
C PHE A 520 -20.53 -2.43 -41.52
N GLU A 521 -20.94 -3.67 -41.77
CA GLU A 521 -22.31 -3.91 -42.25
C GLU A 521 -23.25 -4.12 -41.06
N GLY A 522 -24.42 -3.50 -41.13
CA GLY A 522 -25.33 -3.47 -40.00
C GLY A 522 -25.36 -2.10 -39.35
N ILE A 523 -24.63 -1.15 -39.95
CA ILE A 523 -24.56 0.20 -39.42
C ILE A 523 -25.40 1.19 -40.22
N LYS A 524 -26.29 1.91 -39.55
CA LYS A 524 -27.15 2.89 -40.20
C LYS A 524 -26.33 3.83 -41.05
N LYS A 525 -25.47 4.62 -40.41
CA LYS A 525 -24.52 5.46 -41.11
C LYS A 525 -23.12 4.91 -40.91
N LYS A 526 -22.46 4.60 -42.01
CA LYS A 526 -21.05 4.25 -42.02
C LYS A 526 -20.65 3.91 -43.44
N LYS A 527 -19.35 3.94 -43.70
CA LYS A 527 -18.86 3.63 -45.02
C LYS A 527 -18.30 2.21 -44.98
N GLN A 528 -19.05 1.28 -45.57
CA GLN A 528 -18.71 -0.14 -45.51
C GLN A 528 -17.60 -0.46 -46.50
N GLN A 529 -16.81 -1.49 -46.18
CA GLN A 529 -15.64 -1.80 -46.99
C GLN A 529 -15.43 -3.29 -47.11
N LYS A 530 -14.98 -3.72 -48.29
CA LYS A 530 -14.74 -5.12 -48.55
C LYS A 530 -13.33 -5.51 -48.15
N ILE A 531 -13.18 -6.74 -47.65
CA ILE A 531 -11.89 -7.28 -47.26
C ILE A 531 -10.81 -7.03 -48.31
N LYS A 532 -11.16 -7.19 -49.58
CA LYS A 532 -10.17 -7.05 -50.65
C LYS A 532 -9.74 -5.60 -50.81
N ASN A 533 -10.60 -4.67 -50.40
CA ASN A 533 -10.30 -3.25 -50.50
C ASN A 533 -9.34 -2.77 -49.43
N ILE A 534 -9.52 -3.28 -48.21
CA ILE A 534 -8.63 -2.90 -47.13
C ILE A 534 -7.30 -3.64 -47.27
N LEU A 535 -7.35 -4.91 -47.69
CA LEU A 535 -6.14 -5.69 -47.89
C LEU A 535 -5.28 -5.10 -49.01
N SER A 536 -5.92 -4.40 -49.94
CA SER A 536 -5.23 -3.81 -51.08
C SER A 536 -4.83 -2.37 -50.78
N ASN A 537 -5.14 -1.91 -49.58
CA ASN A 537 -4.86 -0.53 -49.20
C ASN A 537 -3.50 -0.40 -48.52
N LYS A 538 -2.58 0.25 -49.21
CA LYS A 538 -1.18 0.30 -48.78
C LYS A 538 -0.93 1.28 -47.63
N THR A 539 -1.65 2.40 -47.63
CA THR A 539 -1.52 3.36 -46.55
C THR A 539 -1.88 2.71 -45.21
N LEU A 540 -3.05 2.07 -45.18
CA LEU A 540 -3.48 1.33 -44.00
C LEU A 540 -2.36 0.42 -43.57
N ARG A 541 -1.72 -0.21 -44.53
CA ARG A 541 -0.70 -1.21 -44.25
C ARG A 541 0.56 -0.62 -43.60
N GLU A 542 0.98 0.55 -44.09
CA GLU A 542 2.08 1.26 -43.46
C GLU A 542 1.69 1.59 -42.02
N HIS A 543 0.52 2.19 -41.86
CA HIS A 543 0.03 2.56 -40.55
C HIS A 543 0.09 1.40 -39.56
N ASN A 544 -0.49 0.26 -39.93
CA ASN A 544 -0.47 -0.90 -39.04
C ASN A 544 0.91 -1.53 -38.91
N SER A 545 1.80 -1.26 -39.86
CA SER A 545 3.18 -1.71 -39.69
C SER A 545 3.84 -0.94 -38.56
N PHE A 546 3.63 0.38 -38.57
CA PHE A 546 4.20 1.26 -37.56
C PHE A 546 3.60 0.94 -36.18
N VAL A 547 2.29 0.92 -36.11
CA VAL A 547 1.59 0.49 -34.92
C VAL A 547 2.17 -0.84 -34.43
N GLU A 548 2.35 -1.79 -35.35
CA GLU A 548 2.94 -3.08 -35.02
C GLU A 548 4.30 -2.89 -34.34
N ARG A 549 5.11 -1.98 -34.86
CA ARG A 549 6.40 -1.67 -34.26
C ARG A 549 6.21 -1.24 -32.81
N CYS A 550 5.27 -0.33 -32.58
CA CYS A 550 5.04 0.21 -31.23
C CYS A 550 4.60 -0.85 -30.23
N ILE A 551 3.52 -1.55 -30.58
CA ILE A 551 3.03 -2.63 -29.76
C ILE A 551 4.13 -3.65 -29.48
N ASP A 552 4.98 -3.89 -30.47
CA ASP A 552 6.08 -4.85 -30.31
C ASP A 552 7.14 -4.39 -29.33
N TRP A 553 7.52 -3.11 -29.42
CA TRP A 553 8.41 -2.51 -28.44
C TRP A 553 7.87 -2.79 -27.05
N ASN A 554 6.58 -2.52 -26.85
CA ASN A 554 5.96 -2.84 -25.57
C ASN A 554 5.95 -4.33 -25.24
N ARG A 555 5.88 -5.16 -26.26
CA ARG A 555 5.83 -6.61 -26.06
C ARG A 555 7.14 -7.09 -25.45
N GLU A 556 8.26 -6.64 -26.00
CA GLU A 556 9.56 -6.99 -25.47
C GLU A 556 9.73 -6.39 -24.08
N LEU A 557 9.30 -5.13 -23.93
CA LEU A 557 9.31 -4.48 -22.62
C LEU A 557 8.67 -5.37 -21.57
N LEU A 558 7.40 -5.67 -21.77
CA LEU A 558 6.62 -6.52 -20.87
C LEU A 558 7.25 -7.89 -20.66
N LYS A 559 7.83 -8.45 -21.71
CA LYS A 559 8.50 -9.74 -21.58
C LYS A 559 9.63 -9.62 -20.56
N ARG A 560 10.41 -8.54 -20.64
CA ARG A 560 11.51 -8.36 -19.71
C ARG A 560 11.07 -8.05 -18.26
N GLU A 561 10.20 -7.05 -18.10
CA GLU A 561 9.80 -6.60 -16.78
C GLU A 561 8.81 -7.52 -16.05
N LEU A 562 8.01 -8.27 -16.80
CA LEU A 562 7.10 -9.27 -16.22
C LEU A 562 7.62 -10.71 -16.27
N GLY A 563 8.79 -10.90 -16.88
CA GLY A 563 9.34 -12.24 -17.05
C GLY A 563 8.40 -13.21 -17.76
N LEU A 564 7.86 -12.78 -18.90
CA LEU A 564 6.88 -13.57 -19.65
C LEU A 564 7.50 -14.31 -20.82
N ALA A 565 6.96 -15.48 -21.13
CA ALA A 565 7.34 -16.17 -22.35
C ALA A 565 6.24 -15.98 -23.40
N GLU A 566 6.49 -16.47 -24.61
CA GLU A 566 5.53 -16.27 -25.68
C GLU A 566 4.25 -17.05 -25.42
N SER A 567 4.39 -18.17 -24.72
CA SER A 567 3.24 -19.01 -24.37
C SER A 567 2.30 -18.28 -23.41
N ASP A 568 2.78 -17.17 -22.85
CA ASP A 568 1.97 -16.38 -21.93
C ASP A 568 1.21 -15.28 -22.66
N ILE A 569 1.55 -15.06 -23.93
CA ILE A 569 0.94 -13.97 -24.69
C ILE A 569 0.00 -14.49 -25.78
N ILE A 570 -1.09 -13.76 -25.98
CA ILE A 570 -2.05 -14.05 -27.04
C ILE A 570 -2.35 -12.78 -27.82
N ASP A 571 -2.26 -12.86 -29.13
CA ASP A 571 -2.51 -11.70 -29.97
C ASP A 571 -3.96 -11.64 -30.45
N ILE A 572 -4.61 -10.52 -30.16
CA ILE A 572 -5.96 -10.28 -30.63
C ILE A 572 -5.89 -9.56 -31.96
N PRO A 573 -6.57 -10.09 -32.98
CA PRO A 573 -6.54 -9.34 -34.25
C PRO A 573 -7.17 -7.97 -34.06
N GLN A 574 -6.44 -6.91 -34.41
CA GLN A 574 -6.94 -5.56 -34.25
C GLN A 574 -6.32 -4.64 -35.29
N LEU A 575 -7.11 -3.70 -35.79
CA LEU A 575 -6.63 -2.78 -36.80
C LEU A 575 -6.65 -1.33 -36.31
N PHE A 576 -5.74 -0.51 -36.85
CA PHE A 576 -5.61 0.87 -36.41
C PHE A 576 -5.48 1.82 -37.58
N LYS A 577 -5.68 3.10 -37.31
CA LYS A 577 -5.39 4.16 -38.28
C LYS A 577 -4.74 5.38 -37.61
N LEU A 578 -3.64 5.84 -38.16
CA LEU A 578 -3.01 7.06 -37.67
C LEU A 578 -3.74 8.25 -38.25
N LYS A 579 -4.17 9.19 -37.41
CA LYS A 579 -4.91 10.32 -37.95
C LYS A 579 -4.30 11.68 -37.62
N GLU A 580 -4.54 12.16 -36.41
CA GLU A 580 -4.12 13.50 -36.05
C GLU A 580 -2.73 13.44 -35.45
N PHE A 581 -1.76 14.07 -36.12
CA PHE A 581 -0.37 14.02 -35.69
C PHE A 581 0.14 12.60 -35.83
N SER A 582 -0.45 11.86 -36.77
CA SER A 582 -0.10 10.46 -36.95
C SER A 582 -0.26 9.71 -35.63
N LYS A 583 -1.29 10.09 -34.87
CA LYS A 583 -1.66 9.38 -33.65
C LYS A 583 -2.61 8.26 -34.01
N ALA A 584 -2.46 7.12 -33.33
CA ALA A 584 -3.16 5.90 -33.68
C ALA A 584 -4.53 5.81 -33.03
N GLU A 585 -5.48 5.25 -33.77
CA GLU A 585 -6.83 5.00 -33.27
C GLU A 585 -7.29 3.61 -33.74
N ALA A 586 -8.35 3.10 -33.13
CA ALA A 586 -8.88 1.80 -33.50
C ALA A 586 -9.65 1.90 -34.81
N PHE A 587 -9.25 1.08 -35.77
CA PHE A 587 -9.91 1.06 -37.07
C PHE A 587 -11.35 0.64 -36.90
N PHE A 588 -11.54 -0.45 -36.17
CA PHE A 588 -12.86 -0.88 -35.72
C PHE A 588 -12.81 -1.05 -34.21
N PRO A 589 -13.99 -1.14 -33.57
CA PRO A 589 -14.02 -1.10 -32.11
C PRO A 589 -12.97 -2.01 -31.49
N ASN A 590 -12.23 -1.47 -30.52
CA ASN A 590 -11.02 -2.11 -30.03
C ASN A 590 -11.37 -3.18 -29.00
N MET A 591 -11.07 -4.41 -29.37
CA MET A 591 -11.54 -5.57 -28.61
C MET A 591 -10.72 -5.87 -27.38
N VAL A 592 -9.41 -5.60 -27.44
CA VAL A 592 -8.54 -5.88 -26.32
C VAL A 592 -8.90 -4.98 -25.14
N ASN A 593 -9.72 -3.97 -25.42
CA ASN A 593 -10.17 -3.06 -24.40
C ASN A 593 -11.55 -3.55 -24.01
N MET A 594 -11.62 -4.28 -22.90
CA MET A 594 -12.76 -5.17 -22.66
C MET A 594 -13.04 -5.32 -21.18
N LEU A 595 -14.28 -5.65 -20.83
CA LEU A 595 -14.61 -5.75 -19.41
C LEU A 595 -14.40 -7.17 -18.87
N VAL A 596 -13.43 -7.38 -18.00
CA VAL A 596 -13.18 -8.73 -17.52
C VAL A 596 -13.78 -8.94 -16.13
N LEU A 597 -14.86 -9.71 -16.07
CA LEU A 597 -15.46 -10.09 -14.80
C LEU A 597 -15.28 -11.59 -14.62
N GLY A 598 -14.36 -11.99 -13.74
CA GLY A 598 -14.04 -13.39 -13.63
C GLY A 598 -13.73 -13.94 -15.02
N LYS A 599 -14.42 -15.01 -15.39
CA LYS A 599 -14.24 -15.62 -16.70
C LYS A 599 -15.24 -15.10 -17.74
N HIS A 600 -16.05 -14.13 -17.34
CA HIS A 600 -17.08 -13.60 -18.24
C HIS A 600 -16.67 -12.31 -18.94
N LEU A 601 -16.49 -12.38 -20.25
CA LEU A 601 -15.87 -11.29 -20.98
C LEU A 601 -16.81 -10.29 -21.64
N GLY A 602 -16.45 -9.03 -21.45
CA GLY A 602 -17.18 -7.83 -21.79
C GLY A 602 -16.60 -7.21 -23.04
N ILE A 603 -16.20 -8.05 -23.98
CA ILE A 603 -15.61 -7.63 -25.26
C ILE A 603 -16.50 -6.73 -26.12
N PRO A 604 -15.93 -5.60 -26.60
CA PRO A 604 -16.66 -4.71 -27.51
C PRO A 604 -16.93 -5.40 -28.85
N LYS A 605 -18.11 -5.18 -29.40
CA LYS A 605 -18.50 -5.89 -30.60
C LYS A 605 -17.92 -5.20 -31.83
N PRO A 606 -16.99 -5.88 -32.53
CA PRO A 606 -16.54 -5.39 -33.82
C PRO A 606 -17.67 -5.71 -34.79
N PHE A 607 -17.92 -4.87 -35.76
CA PHE A 607 -18.85 -5.31 -36.77
C PHE A 607 -18.00 -5.75 -37.94
N GLY A 608 -17.84 -7.06 -38.02
CA GLY A 608 -16.86 -7.67 -38.88
C GLY A 608 -17.54 -8.27 -40.09
N PRO A 609 -16.75 -8.68 -41.09
CA PRO A 609 -17.39 -9.34 -42.22
C PRO A 609 -18.13 -10.58 -41.75
N VAL A 610 -19.41 -10.68 -42.11
CA VAL A 610 -20.22 -11.80 -41.65
C VAL A 610 -19.99 -12.97 -42.58
N ILE A 611 -19.71 -14.13 -42.00
CA ILE A 611 -19.47 -15.32 -42.79
C ILE A 611 -20.12 -16.52 -42.11
N ASN A 612 -20.94 -17.25 -42.85
CA ASN A 612 -21.76 -18.28 -42.24
C ASN A 612 -22.56 -17.67 -41.11
N GLY A 613 -23.15 -16.51 -41.37
CA GLY A 613 -23.94 -15.81 -40.37
C GLY A 613 -23.17 -15.48 -39.11
N ARG A 614 -21.85 -15.45 -39.23
CA ARG A 614 -20.96 -15.27 -38.08
C ARG A 614 -19.83 -14.30 -38.38
N CYS A 615 -19.73 -13.24 -37.57
CA CYS A 615 -18.61 -12.31 -37.67
C CYS A 615 -17.30 -13.07 -37.51
N CYS A 616 -16.40 -12.93 -38.48
CA CYS A 616 -15.15 -13.68 -38.45
C CYS A 616 -14.29 -13.26 -37.28
N LEU A 617 -14.39 -11.98 -36.93
CA LEU A 617 -13.64 -11.46 -35.79
C LEU A 617 -14.07 -12.09 -34.48
N GLU A 618 -15.34 -11.98 -34.16
CA GLU A 618 -15.84 -12.60 -32.93
C GLU A 618 -15.39 -14.05 -32.88
N GLU A 619 -15.52 -14.75 -34.01
CA GLU A 619 -15.20 -16.17 -34.09
C GLU A 619 -13.73 -16.45 -33.81
N LYS A 620 -12.85 -15.62 -34.36
CA LYS A 620 -11.42 -15.75 -34.12
C LYS A 620 -11.11 -15.54 -32.63
N VAL A 621 -11.64 -14.44 -32.11
CA VAL A 621 -11.46 -14.10 -30.71
C VAL A 621 -11.85 -15.28 -29.83
N CYS A 622 -13.07 -15.78 -29.99
CA CYS A 622 -13.58 -16.88 -29.18
C CYS A 622 -12.71 -18.12 -29.34
N SER A 623 -12.29 -18.40 -30.57
CA SER A 623 -11.45 -19.55 -30.81
C SER A 623 -10.18 -19.42 -29.99
N LEU A 624 -9.79 -18.18 -29.71
CA LEU A 624 -8.63 -17.91 -28.86
C LEU A 624 -8.91 -18.01 -27.35
N LEU A 625 -10.00 -17.39 -26.92
CA LEU A 625 -10.32 -17.26 -25.50
C LEU A 625 -11.01 -18.45 -24.85
N GLU A 626 -12.00 -19.02 -25.54
CA GLU A 626 -12.83 -20.10 -24.98
C GLU A 626 -12.03 -21.31 -24.48
N PRO A 627 -11.00 -21.72 -25.23
CA PRO A 627 -10.09 -22.79 -24.78
C PRO A 627 -9.55 -22.54 -23.37
N LEU A 628 -9.55 -21.28 -22.94
CA LEU A 628 -9.06 -20.91 -21.61
C LEU A 628 -10.16 -21.02 -20.56
N GLY A 629 -11.38 -21.24 -20.99
CA GLY A 629 -12.50 -21.36 -20.07
C GLY A 629 -13.30 -20.07 -19.99
N LEU A 630 -12.86 -19.06 -20.72
CA LEU A 630 -13.54 -17.78 -20.72
C LEU A 630 -14.74 -17.83 -21.65
N GLN A 631 -15.75 -17.03 -21.34
CA GLN A 631 -16.88 -16.87 -22.25
C GLN A 631 -16.75 -15.49 -22.85
N CYS A 632 -17.06 -15.36 -24.14
CA CYS A 632 -16.90 -14.07 -24.81
C CYS A 632 -18.25 -13.44 -25.17
N THR A 633 -18.55 -12.28 -24.60
CA THR A 633 -19.76 -11.56 -24.95
C THR A 633 -19.39 -10.24 -25.63
N PHE A 634 -20.15 -9.88 -26.65
CA PHE A 634 -19.83 -8.69 -27.44
C PHE A 634 -20.90 -7.62 -27.30
N ILE A 635 -20.51 -6.48 -26.74
CA ILE A 635 -21.42 -5.38 -26.46
C ILE A 635 -21.28 -4.31 -27.54
N ASN A 636 -22.39 -3.65 -27.86
CA ASN A 636 -22.32 -2.56 -28.83
C ASN A 636 -22.14 -1.24 -28.12
N ASP A 637 -20.93 -0.69 -28.26
CA ASP A 637 -20.62 0.67 -27.82
C ASP A 637 -20.57 1.64 -28.98
N PHE A 638 -20.84 1.16 -30.19
CA PHE A 638 -20.36 1.81 -31.42
C PHE A 638 -20.63 3.32 -31.55
N PHE A 639 -21.89 3.74 -31.51
CA PHE A 639 -22.20 5.16 -31.67
C PHE A 639 -22.10 5.90 -30.35
N THR A 640 -22.12 5.16 -29.25
CA THR A 640 -21.97 5.72 -27.93
C THR A 640 -20.50 5.96 -27.55
N TYR A 641 -19.64 4.99 -27.88
CA TYR A 641 -18.23 5.03 -27.45
C TYR A 641 -17.22 5.03 -28.60
N HIS A 642 -17.20 3.97 -29.37
CA HIS A 642 -16.16 3.76 -30.39
C HIS A 642 -15.96 5.00 -31.28
N ILE A 643 -17.03 5.73 -31.57
CA ILE A 643 -16.94 6.93 -32.39
C ILE A 643 -16.51 8.14 -31.55
N ARG A 644 -16.51 7.96 -30.23
CA ARG A 644 -15.98 8.95 -29.28
C ARG A 644 -14.54 8.63 -28.92
N HIS A 645 -13.96 7.65 -29.62
CA HIS A 645 -12.60 7.21 -29.38
C HIS A 645 -12.40 6.49 -28.03
N GLY A 646 -13.38 5.68 -27.66
CA GLY A 646 -13.30 4.87 -26.46
C GLY A 646 -14.13 3.60 -26.61
N GLU A 647 -14.11 2.73 -25.61
CA GLU A 647 -14.78 1.42 -25.72
C GLU A 647 -15.40 0.96 -24.39
N VAL A 648 -15.79 -0.31 -24.33
CA VAL A 648 -16.47 -0.88 -23.16
C VAL A 648 -15.70 -0.71 -21.84
N HIS A 649 -14.49 -1.25 -21.80
CA HIS A 649 -13.65 -1.21 -20.60
C HIS A 649 -13.55 0.23 -20.06
N CYS A 650 -13.60 1.20 -20.96
CA CYS A 650 -13.39 2.63 -20.67
C CYS A 650 -14.59 3.30 -20.02
N GLY A 651 -15.80 2.97 -20.49
CA GLY A 651 -17.01 3.56 -19.95
C GLY A 651 -17.40 2.87 -18.66
N THR A 652 -16.51 2.00 -18.17
CA THR A 652 -16.83 1.14 -17.03
C THR A 652 -15.68 1.01 -16.03
N ASN A 653 -16.02 0.53 -14.83
CA ASN A 653 -15.04 0.31 -13.75
C ASN A 653 -15.45 -0.83 -12.82
N VAL A 654 -14.46 -1.46 -12.18
CA VAL A 654 -14.72 -2.62 -11.34
C VAL A 654 -13.93 -2.57 -10.03
N ARG A 655 -14.56 -2.98 -8.94
CA ARG A 655 -13.88 -3.18 -7.67
C ARG A 655 -13.64 -4.67 -7.55
N ARG A 656 -12.41 -5.07 -7.24
CA ARG A 656 -12.08 -6.49 -7.15
C ARG A 656 -11.62 -6.84 -5.74
N LYS A 657 -11.24 -8.10 -5.56
CA LYS A 657 -10.92 -8.60 -4.23
C LYS A 657 -9.43 -8.52 -3.95
N PRO A 658 -9.07 -7.93 -2.81
CA PRO A 658 -7.68 -7.77 -2.34
C PRO A 658 -6.92 -9.10 -2.29
N PHE A 659 -5.63 -9.06 -2.60
CA PHE A 659 -4.82 -10.26 -2.60
C PHE A 659 -4.83 -10.90 -1.23
N SER A 660 -4.71 -12.22 -1.20
CA SER A 660 -4.58 -12.94 0.05
C SER A 660 -3.19 -12.68 0.62
N PHE A 661 -2.22 -12.52 -0.28
CA PHE A 661 -0.84 -12.28 0.13
C PHE A 661 -0.77 -10.98 0.90
N LYS A 662 -0.11 -10.99 2.06
CA LYS A 662 0.04 -9.80 2.86
C LYS A 662 1.24 -8.97 2.39
N TRP A 663 1.00 -7.71 2.05
CA TRP A 663 2.02 -6.89 1.43
C TRP A 663 3.29 -6.79 2.26
N TRP A 664 3.14 -6.84 3.58
CA TRP A 664 4.28 -6.71 4.47
C TRP A 664 5.18 -7.93 4.44
N ASN A 665 4.66 -9.02 3.91
CA ASN A 665 5.42 -10.26 3.83
C ASN A 665 6.29 -10.28 2.59
N MET A 666 6.06 -9.32 1.72
CA MET A 666 6.92 -9.12 0.58
C MET A 666 8.24 -8.58 1.10
N VAL A 667 9.28 -8.66 0.28
CA VAL A 667 10.51 -7.95 0.61
C VAL A 667 11.04 -7.21 -0.63
N PRO A 668 10.49 -6.01 -0.89
CA PRO A 668 10.81 -5.20 -2.07
C PRO A 668 12.21 -4.62 -2.00
N ASP B 3 -14.32 11.95 -27.31
CA ASP B 3 -14.89 12.23 -26.01
C ASP B 3 -14.04 11.69 -24.90
N FIO B 4 -13.38 10.57 -25.16
CA FIO B 4 -12.51 9.96 -24.17
C FIO B 4 -11.29 10.79 -23.93
O FIO B 4 -10.96 11.08 -22.80
C15 FIO B 4 -12.10 8.57 -24.63
C16 FIO B 4 -10.98 8.01 -23.76
C17 FIO B 4 -11.37 6.67 -23.14
N18 FIO B 4 -10.22 5.96 -22.63
C19 FIO B 4 -9.99 4.69 -22.96
C20 FIO B 4 -10.97 3.98 -23.85
N21 FIO B 4 -8.96 4.06 -22.57
N NH2 B 5 -10.52 11.22 -25.05
CA CA C . -7.50 1.24 -14.63
CA CA D . -12.68 5.82 9.72
CA CA E . -14.01 2.45 8.60
CA CA F . -10.80 14.17 -9.35
CA CA G . -10.98 10.22 13.54
S SO4 H . -4.04 15.57 -24.00
O1 SO4 H . -3.43 16.64 -24.78
O2 SO4 H . -4.16 14.35 -24.82
O3 SO4 H . -5.37 15.99 -23.55
O4 SO4 H . -3.21 15.31 -22.83
S SO4 I . -15.07 -2.52 -55.67
O1 SO4 I . -14.78 -1.55 -56.73
O2 SO4 I . -15.89 -3.60 -56.22
O3 SO4 I . -13.81 -3.09 -55.18
O4 SO4 I . -15.78 -1.87 -54.57
C1 EDO J . 1.57 -5.45 -41.44
O1 EDO J . 1.34 -5.32 -40.03
C2 EDO J . 1.12 -6.84 -41.91
O2 EDO J . 1.48 -7.05 -43.29
C1 EDO K . 8.36 4.64 -21.35
O1 EDO K . 8.89 5.27 -20.17
C2 EDO K . 9.38 3.67 -21.96
O2 EDO K . 9.13 3.54 -23.35
#